data_2MLT
# 
_entry.id   2MLT 
# 
_audit_conform.dict_name       mmcif_pdbx.dic 
_audit_conform.dict_version    5.399 
_audit_conform.dict_location   http://mmcif.pdb.org/dictionaries/ascii/mmcif_pdbx.dic 
# 
loop_
_database_2.database_id 
_database_2.database_code 
_database_2.pdbx_database_accession 
_database_2.pdbx_DOI 
PDB   2MLT         pdb_00002mlt 10.2210/pdb2mlt/pdb 
WWPDB D_1000178373 ?            ?                   
# 
loop_
_pdbx_audit_revision_history.ordinal 
_pdbx_audit_revision_history.data_content_type 
_pdbx_audit_revision_history.major_revision 
_pdbx_audit_revision_history.minor_revision 
_pdbx_audit_revision_history.revision_date 
1 'Structure model' 1 0 1990-10-15 
2 'Structure model' 1 1 2008-03-24 
3 'Structure model' 1 2 2011-07-13 
4 'Structure model' 1 3 2011-11-16 
5 'Structure model' 1 4 2024-06-05 
6 'Structure model' 1 5 2024-11-20 
# 
_pdbx_audit_revision_details.ordinal             1 
_pdbx_audit_revision_details.revision_ordinal    1 
_pdbx_audit_revision_details.data_content_type   'Structure model' 
_pdbx_audit_revision_details.provider            repository 
_pdbx_audit_revision_details.type                'Initial release' 
_pdbx_audit_revision_details.description         ? 
_pdbx_audit_revision_details.details             ? 
# 
loop_
_pdbx_audit_revision_group.ordinal 
_pdbx_audit_revision_group.revision_ordinal 
_pdbx_audit_revision_group.data_content_type 
_pdbx_audit_revision_group.group 
1 2 'Structure model' 'Version format compliance' 
2 3 'Structure model' 'Derived calculations'      
3 3 'Structure model' 'Version format compliance' 
4 4 'Structure model' 'Atomic model'              
5 5 'Structure model' 'Data collection'           
6 5 'Structure model' 'Database references'       
7 5 'Structure model' 'Derived calculations'      
8 5 'Structure model' Other                       
9 6 'Structure model' 'Structure summary'         
# 
loop_
_pdbx_audit_revision_category.ordinal 
_pdbx_audit_revision_category.revision_ordinal 
_pdbx_audit_revision_category.data_content_type 
_pdbx_audit_revision_category.category 
1 5 'Structure model' chem_comp_atom            
2 5 'Structure model' chem_comp_bond            
3 5 'Structure model' database_2                
4 5 'Structure model' pdbx_database_status      
5 5 'Structure model' struct_conn               
6 5 'Structure model' struct_site               
7 6 'Structure model' pdbx_entry_details        
8 6 'Structure model' pdbx_modification_feature 
# 
loop_
_pdbx_audit_revision_item.ordinal 
_pdbx_audit_revision_item.revision_ordinal 
_pdbx_audit_revision_item.data_content_type 
_pdbx_audit_revision_item.item 
1 5 'Structure model' '_database_2.pdbx_DOI'                
2 5 'Structure model' '_database_2.pdbx_database_accession' 
3 5 'Structure model' '_pdbx_database_status.process_site'  
4 5 'Structure model' '_struct_conn.pdbx_leaving_atom_flag' 
5 5 'Structure model' '_struct_site.pdbx_auth_asym_id'      
6 5 'Structure model' '_struct_site.pdbx_auth_comp_id'      
7 5 'Structure model' '_struct_site.pdbx_auth_seq_id'       
# 
_pdbx_database_PDB_obs_spr.id               SPRSDE 
_pdbx_database_PDB_obs_spr.date             1990-10-15 
_pdbx_database_PDB_obs_spr.pdb_id           2MLT 
_pdbx_database_PDB_obs_spr.replace_pdb_id   1MLT 
_pdbx_database_PDB_obs_spr.details          ? 
# 
_pdbx_database_status.status_code                     REL 
_pdbx_database_status.entry_id                        2MLT 
_pdbx_database_status.recvd_initial_deposition_date   1990-10-04 
_pdbx_database_status.deposit_site                    ? 
_pdbx_database_status.process_site                    BNL 
_pdbx_database_status.status_code_sf                  REL 
_pdbx_database_status.status_code_mr                  ? 
_pdbx_database_status.SG_entry                        . 
_pdbx_database_status.pdb_format_compatible           Y 
_pdbx_database_status.status_code_cs                  ? 
_pdbx_database_status.status_code_nmr_data            ? 
_pdbx_database_status.methods_development_category    ? 
# 
loop_
_audit_author.name 
_audit_author.pdbx_ordinal 
'Eisenberg, D.'     1 
'Gribskov, M.'      2 
'Terwilliger, T.C.' 3 
# 
loop_
_citation.id 
_citation.title 
_citation.journal_abbrev 
_citation.journal_volume 
_citation.page_first 
_citation.page_last 
_citation.year 
_citation.journal_id_ASTM 
_citation.country 
_citation.journal_id_ISSN 
_citation.journal_id_CSD 
_citation.book_publisher 
_citation.pdbx_database_id_PubMed 
_citation.pdbx_database_id_DOI 
1       'The Structure of Melittin. I. Structure Determination and Partial Refinement.' J.Biol.Chem.      257 6010 ? 1982 JBCHA3 
US 0021-9258 0071 ? ? ? 
2       'The Structure of Melittin. II. Interpretation of the Structure' J.Biol.Chem.      257 6016 ? 1982 JBCHA3 US 0021-9258 
0071 ? ? ? 
3       
;Melittin Forms Crystals which are Suitable for High Resolution X-Ray Structural Analysis and which Reveal a Molecular 2-Fold Axis of Symmetry
;
J.Biol.Chem.      255 2578 ? 1980 JBCHA3 US 0021-9258 0071 ? ? ? 
primary ? 'To be Published' ?   ?    ? ?    ?      ?  ?         0353 ? ? ? 
# 
loop_
_citation_author.citation_id 
_citation_author.name 
_citation_author.ordinal 
_citation_author.identifier_ORCID 
primary 'Gribskov, M.'      1  ? 
primary 'Wesson, L.'        2  ? 
primary 'Eisenberg, D.'     3  ? 
1       'Terwilliger, T.C.' 4  ? 
1       'Eisenberg, D.'     5  ? 
2       'Terwilliger, T.C.' 6  ? 
2       'Eisenberg, D.'     7  ? 
3       'Anderson, D.'      8  ? 
3       'Terwilliger, T.C.' 9  ? 
3       'Wickner, W.'       10 ? 
3       'Eisenberg, D.'     11 ? 
# 
loop_
_entity.id 
_entity.type 
_entity.src_method 
_entity.pdbx_description 
_entity.formula_weight 
_entity.pdbx_number_of_molecules 
_entity.pdbx_ec 
_entity.pdbx_mutation 
_entity.pdbx_fragment 
_entity.details 
1 polymer     man MELITTIN      2850.495 2  ? ? ? ? 
2 non-polymer syn 'SULFATE ION' 96.063   2  ? ? ? ? 
3 water       nat water         18.015   23 ? ? ? ? 
# 
_entity_poly.entity_id                      1 
_entity_poly.type                           'polypeptide(L)' 
_entity_poly.nstd_linkage                   no 
_entity_poly.nstd_monomer                   yes 
_entity_poly.pdbx_seq_one_letter_code       'GIGAVLKVLTTGLPALISWIKRKRQQ(NH2)' 
_entity_poly.pdbx_seq_one_letter_code_can   GIGAVLKVLTTGLPALISWIKRKRQQX 
_entity_poly.pdbx_strand_id                 A,B 
_entity_poly.pdbx_target_identifier         ? 
# 
loop_
_pdbx_entity_nonpoly.entity_id 
_pdbx_entity_nonpoly.name 
_pdbx_entity_nonpoly.comp_id 
2 'SULFATE ION' SO4 
3 water         HOH 
# 
loop_
_entity_poly_seq.entity_id 
_entity_poly_seq.num 
_entity_poly_seq.mon_id 
_entity_poly_seq.hetero 
1 1  GLY n 
1 2  ILE n 
1 3  GLY n 
1 4  ALA n 
1 5  VAL n 
1 6  LEU n 
1 7  LYS n 
1 8  VAL n 
1 9  LEU n 
1 10 THR n 
1 11 THR n 
1 12 GLY n 
1 13 LEU n 
1 14 PRO n 
1 15 ALA n 
1 16 LEU n 
1 17 ILE n 
1 18 SER n 
1 19 TRP n 
1 20 ILE n 
1 21 LYS n 
1 22 ARG n 
1 23 LYS n 
1 24 ARG n 
1 25 GLN n 
1 26 GLN n 
1 27 NH2 n 
# 
_entity_src_gen.entity_id                          1 
_entity_src_gen.pdbx_src_id                        1 
_entity_src_gen.pdbx_alt_source_flag               sample 
_entity_src_gen.pdbx_seq_type                      ? 
_entity_src_gen.pdbx_beg_seq_num                   ? 
_entity_src_gen.pdbx_end_seq_num                   ? 
_entity_src_gen.gene_src_common_name               'honey bee' 
_entity_src_gen.gene_src_genus                     Apis 
_entity_src_gen.pdbx_gene_src_gene                 ? 
_entity_src_gen.gene_src_species                   ? 
_entity_src_gen.gene_src_strain                    ? 
_entity_src_gen.gene_src_tissue                    ? 
_entity_src_gen.gene_src_tissue_fraction           ? 
_entity_src_gen.gene_src_details                   ? 
_entity_src_gen.pdbx_gene_src_fragment             ? 
_entity_src_gen.pdbx_gene_src_scientific_name      'Apis mellifera' 
_entity_src_gen.pdbx_gene_src_ncbi_taxonomy_id     7460 
_entity_src_gen.pdbx_gene_src_variant              ? 
_entity_src_gen.pdbx_gene_src_cell_line            ? 
_entity_src_gen.pdbx_gene_src_atcc                 ? 
_entity_src_gen.pdbx_gene_src_organ                ? 
_entity_src_gen.pdbx_gene_src_organelle            ? 
_entity_src_gen.pdbx_gene_src_cell                 ? 
_entity_src_gen.pdbx_gene_src_cellular_location    ? 
_entity_src_gen.host_org_common_name               ? 
_entity_src_gen.pdbx_host_org_scientific_name      ? 
_entity_src_gen.pdbx_host_org_ncbi_taxonomy_id     ? 
_entity_src_gen.host_org_genus                     ? 
_entity_src_gen.pdbx_host_org_gene                 ? 
_entity_src_gen.pdbx_host_org_organ                ? 
_entity_src_gen.host_org_species                   ? 
_entity_src_gen.pdbx_host_org_tissue               ? 
_entity_src_gen.pdbx_host_org_tissue_fraction      ? 
_entity_src_gen.pdbx_host_org_strain               ? 
_entity_src_gen.pdbx_host_org_variant              ? 
_entity_src_gen.pdbx_host_org_cell_line            ? 
_entity_src_gen.pdbx_host_org_atcc                 ? 
_entity_src_gen.pdbx_host_org_culture_collection   ? 
_entity_src_gen.pdbx_host_org_cell                 ? 
_entity_src_gen.pdbx_host_org_organelle            ? 
_entity_src_gen.pdbx_host_org_cellular_location    ? 
_entity_src_gen.pdbx_host_org_vector_type          ? 
_entity_src_gen.pdbx_host_org_vector               ? 
_entity_src_gen.host_org_details                   ? 
_entity_src_gen.expression_system_id               ? 
_entity_src_gen.plasmid_name                       ? 
_entity_src_gen.plasmid_details                    ? 
_entity_src_gen.pdbx_description                   ? 
# 
loop_
_chem_comp.id 
_chem_comp.type 
_chem_comp.mon_nstd_flag 
_chem_comp.name 
_chem_comp.pdbx_synonyms 
_chem_comp.formula 
_chem_comp.formula_weight 
ALA 'L-peptide linking' y ALANINE       ? 'C3 H7 N O2'     89.093  
ARG 'L-peptide linking' y ARGININE      ? 'C6 H15 N4 O2 1' 175.209 
GLN 'L-peptide linking' y GLUTAMINE     ? 'C5 H10 N2 O3'   146.144 
GLY 'peptide linking'   y GLYCINE       ? 'C2 H5 N O2'     75.067  
HOH non-polymer         . WATER         ? 'H2 O'           18.015  
ILE 'L-peptide linking' y ISOLEUCINE    ? 'C6 H13 N O2'    131.173 
LEU 'L-peptide linking' y LEUCINE       ? 'C6 H13 N O2'    131.173 
LYS 'L-peptide linking' y LYSINE        ? 'C6 H15 N2 O2 1' 147.195 
NH2 non-polymer         . 'AMINO GROUP' ? 'H2 N'           16.023  
PRO 'L-peptide linking' y PROLINE       ? 'C5 H9 N O2'     115.130 
SER 'L-peptide linking' y SERINE        ? 'C3 H7 N O3'     105.093 
SO4 non-polymer         . 'SULFATE ION' ? 'O4 S -2'        96.063  
THR 'L-peptide linking' y THREONINE     ? 'C4 H9 N O3'     119.119 
TRP 'L-peptide linking' y TRYPTOPHAN    ? 'C11 H12 N2 O2'  204.225 
VAL 'L-peptide linking' y VALINE        ? 'C5 H11 N O2'    117.146 
# 
loop_
_pdbx_poly_seq_scheme.asym_id 
_pdbx_poly_seq_scheme.entity_id 
_pdbx_poly_seq_scheme.seq_id 
_pdbx_poly_seq_scheme.mon_id 
_pdbx_poly_seq_scheme.ndb_seq_num 
_pdbx_poly_seq_scheme.pdb_seq_num 
_pdbx_poly_seq_scheme.auth_seq_num 
_pdbx_poly_seq_scheme.pdb_mon_id 
_pdbx_poly_seq_scheme.auth_mon_id 
_pdbx_poly_seq_scheme.pdb_strand_id 
_pdbx_poly_seq_scheme.pdb_ins_code 
_pdbx_poly_seq_scheme.hetero 
A 1 1  GLY 1  1  1  GLY GLY A . n 
A 1 2  ILE 2  2  2  ILE ILE A . n 
A 1 3  GLY 3  3  3  GLY GLY A . n 
A 1 4  ALA 4  4  4  ALA ALA A . n 
A 1 5  VAL 5  5  5  VAL VAL A . n 
A 1 6  LEU 6  6  6  LEU LEU A . n 
A 1 7  LYS 7  7  7  LYS LYS A . n 
A 1 8  VAL 8  8  8  VAL VAL A . n 
A 1 9  LEU 9  9  9  LEU LEU A . n 
A 1 10 THR 10 10 10 THR THR A . n 
A 1 11 THR 11 11 11 THR THR A . n 
A 1 12 GLY 12 12 12 GLY GLY A . n 
A 1 13 LEU 13 13 13 LEU LEU A . n 
A 1 14 PRO 14 14 14 PRO PRO A . n 
A 1 15 ALA 15 15 15 ALA ALA A . n 
A 1 16 LEU 16 16 16 LEU LEU A . n 
A 1 17 ILE 17 17 17 ILE ILE A . n 
A 1 18 SER 18 18 18 SER SER A . n 
A 1 19 TRP 19 19 19 TRP TRP A . n 
A 1 20 ILE 20 20 20 ILE ILE A . n 
A 1 21 LYS 21 21 21 LYS LYS A . n 
A 1 22 ARG 22 22 22 ARG ARG A . n 
A 1 23 LYS 23 23 23 LYS LYS A . n 
A 1 24 ARG 24 24 24 ARG ARG A . n 
A 1 25 GLN 25 25 25 GLN GLN A . n 
A 1 26 GLN 26 26 26 GLN GLN A . n 
A 1 27 NH2 27 27 27 NH2 NH2 A . n 
B 1 1  GLY 1  1  1  GLY GLY B . n 
B 1 2  ILE 2  2  2  ILE ILE B . n 
B 1 3  GLY 3  3  3  GLY GLY B . n 
B 1 4  ALA 4  4  4  ALA ALA B . n 
B 1 5  VAL 5  5  5  VAL VAL B . n 
B 1 6  LEU 6  6  6  LEU LEU B . n 
B 1 7  LYS 7  7  7  LYS LYS B . n 
B 1 8  VAL 8  8  8  VAL VAL B . n 
B 1 9  LEU 9  9  9  LEU LEU B . n 
B 1 10 THR 10 10 10 THR THR B . n 
B 1 11 THR 11 11 11 THR THR B . n 
B 1 12 GLY 12 12 12 GLY GLY B . n 
B 1 13 LEU 13 13 13 LEU LEU B . n 
B 1 14 PRO 14 14 14 PRO PRO B . n 
B 1 15 ALA 15 15 15 ALA ALA B . n 
B 1 16 LEU 16 16 16 LEU LEU B . n 
B 1 17 ILE 17 17 17 ILE ILE B . n 
B 1 18 SER 18 18 18 SER SER B . n 
B 1 19 TRP 19 19 19 TRP TRP B . n 
B 1 20 ILE 20 20 20 ILE ILE B . n 
B 1 21 LYS 21 21 21 LYS LYS B . n 
B 1 22 ARG 22 22 22 ARG ARG B . n 
B 1 23 LYS 23 23 23 LYS LYS B . n 
B 1 24 ARG 24 24 24 ARG ARG B . n 
B 1 25 GLN 25 25 25 GLN GLN B . n 
B 1 26 GLN 26 26 26 GLN GLN B . n 
B 1 27 NH2 27 27 27 NH2 NH2 B . n 
# 
loop_
_pdbx_nonpoly_scheme.asym_id 
_pdbx_nonpoly_scheme.entity_id 
_pdbx_nonpoly_scheme.mon_id 
_pdbx_nonpoly_scheme.ndb_seq_num 
_pdbx_nonpoly_scheme.pdb_seq_num 
_pdbx_nonpoly_scheme.auth_seq_num 
_pdbx_nonpoly_scheme.pdb_mon_id 
_pdbx_nonpoly_scheme.auth_mon_id 
_pdbx_nonpoly_scheme.pdb_strand_id 
_pdbx_nonpoly_scheme.pdb_ins_code 
C 2 SO4 1  28 27 SO4 SO4 B . 
D 2 SO4 1  29 28 SO4 SO4 B . 
E 3 HOH 1  28 28 HOH HOH A . 
E 3 HOH 2  29 29 HOH HOH A . 
E 3 HOH 3  30 30 HOH HOH A . 
E 3 HOH 4  31 31 HOH HOH A . 
E 3 HOH 5  32 32 HOH HOH A . 
E 3 HOH 6  33 33 HOH HOH A . 
E 3 HOH 7  34 34 HOH HOH A . 
E 3 HOH 8  35 35 HOH HOH A . 
E 3 HOH 9  36 36 HOH HOH A . 
F 3 HOH 1  30 30 HOH HOH B . 
F 3 HOH 2  31 31 HOH HOH B . 
F 3 HOH 3  32 32 HOH HOH B . 
F 3 HOH 4  33 33 HOH HOH B . 
F 3 HOH 5  34 34 HOH HOH B . 
F 3 HOH 6  35 35 HOH HOH B . 
F 3 HOH 7  36 36 HOH HOH B . 
F 3 HOH 8  37 37 HOH HOH B . 
F 3 HOH 9  38 38 HOH HOH B . 
F 3 HOH 10 39 39 HOH HOH B . 
F 3 HOH 11 40 40 HOH HOH B . 
F 3 HOH 12 41 41 HOH HOH B . 
F 3 HOH 13 42 42 HOH HOH B . 
F 3 HOH 14 43 43 HOH HOH B . 
# 
_software.name             PROFFT 
_software.classification   refinement 
_software.version          . 
_software.citation_id      ? 
_software.pdbx_ordinal     1 
# 
_cell.entry_id           2MLT 
_cell.length_a           60.832 
_cell.length_b           38.293 
_cell.length_c           42.211 
_cell.angle_alpha        90.00 
_cell.angle_beta         90.00 
_cell.angle_gamma        90.00 
_cell.Z_PDB              16 
_cell.pdbx_unique_axis   ? 
# 
_symmetry.entry_id                         2MLT 
_symmetry.space_group_name_H-M             'C 2 2 21' 
_symmetry.pdbx_full_space_group_name_H-M   ? 
_symmetry.cell_setting                     ? 
_symmetry.Int_Tables_number                20 
# 
_exptl.entry_id          2MLT 
_exptl.method            'X-RAY DIFFRACTION' 
_exptl.crystals_number   ? 
# 
_exptl_crystal.id                    1 
_exptl_crystal.density_meas          ? 
_exptl_crystal.density_Matthews      2.16 
_exptl_crystal.density_percent_sol   42.93 
_exptl_crystal.description           ? 
# 
_diffrn.id                     1 
_diffrn.crystal_id             1 
_diffrn.ambient_temp           ? 
_diffrn.ambient_temp_details   ? 
# 
_refine.entry_id                                 2MLT 
_refine.ls_number_reflns_obs                     137 
_refine.ls_number_reflns_all                     ? 
_refine.pdbx_ls_sigma_I                          ? 
_refine.pdbx_ls_sigma_F                          ? 
_refine.pdbx_data_cutoff_high_absF               ? 
_refine.pdbx_data_cutoff_low_absF                ? 
_refine.pdbx_data_cutoff_high_rms_absF           ? 
_refine.ls_d_res_low                             20.0 
_refine.ls_d_res_high                            2.0 
_refine.ls_percent_reflns_obs                    ? 
_refine.ls_R_factor_obs                          0.1980000 
_refine.ls_R_factor_all                          ? 
_refine.ls_R_factor_R_work                       ? 
_refine.ls_R_factor_R_free                       ? 
_refine.ls_R_factor_R_free_error                 ? 
_refine.ls_R_factor_R_free_error_details         ? 
_refine.ls_percent_reflns_R_free                 ? 
_refine.ls_number_reflns_R_free                  ? 
_refine.ls_number_parameters                     ? 
_refine.ls_number_restraints                     ? 
_refine.occupancy_min                            ? 
_refine.occupancy_max                            ? 
_refine.B_iso_mean                               ? 
_refine.aniso_B[1][1]                            ? 
_refine.aniso_B[2][2]                            ? 
_refine.aniso_B[3][3]                            ? 
_refine.aniso_B[1][2]                            ? 
_refine.aniso_B[1][3]                            ? 
_refine.aniso_B[2][3]                            ? 
_refine.solvent_model_details                    ? 
_refine.solvent_model_param_ksol                 ? 
_refine.solvent_model_param_bsol                 ? 
_refine.pdbx_ls_cross_valid_method               ? 
_refine.details                                  ? 
_refine.pdbx_starting_model                      ? 
_refine.pdbx_method_to_determine_struct          ? 
_refine.pdbx_isotropic_thermal_model             ? 
_refine.pdbx_stereochemistry_target_values       ? 
_refine.pdbx_stereochem_target_val_spec_case     ? 
_refine.pdbx_R_Free_selection_details            ? 
_refine.pdbx_overall_ESU_R                       ? 
_refine.pdbx_overall_ESU_R_Free                  ? 
_refine.overall_SU_ML                            ? 
_refine.overall_SU_B                             ? 
_refine.pdbx_refine_id                           'X-RAY DIFFRACTION' 
_refine.pdbx_diffrn_id                           1 
_refine.pdbx_TLS_residual_ADP_flag               ? 
_refine.correlation_coeff_Fo_to_Fc               ? 
_refine.correlation_coeff_Fo_to_Fc_free          ? 
_refine.pdbx_solvent_vdw_probe_radii             ? 
_refine.pdbx_solvent_ion_probe_radii             ? 
_refine.pdbx_solvent_shrinkage_radii             ? 
_refine.pdbx_overall_phase_error                 ? 
_refine.overall_SU_R_Cruickshank_DPI             ? 
_refine.pdbx_overall_SU_R_free_Cruickshank_DPI   ? 
_refine.pdbx_overall_SU_R_Blow_DPI               ? 
_refine.pdbx_overall_SU_R_free_Blow_DPI          ? 
# 
_refine_hist.pdbx_refine_id                   'X-RAY DIFFRACTION' 
_refine_hist.cycle_id                         LAST 
_refine_hist.pdbx_number_atoms_protein        402 
_refine_hist.pdbx_number_atoms_nucleic_acid   0 
_refine_hist.pdbx_number_atoms_ligand         10 
_refine_hist.number_atoms_solvent             23 
_refine_hist.number_atoms_total               435 
_refine_hist.d_res_high                       2.0 
_refine_hist.d_res_low                        20.0 
# 
loop_
_refine_ls_restr.type 
_refine_ls_restr.dev_ideal 
_refine_ls_restr.dev_ideal_target 
_refine_ls_restr.weight 
_refine_ls_restr.number 
_refine_ls_restr.pdbx_refine_id 
_refine_ls_restr.pdbx_restraint_function 
p_bond_d            0.026 0.020 ? ? 'X-RAY DIFFRACTION' ? 
p_angle_d           0.046 0.030 ? ? 'X-RAY DIFFRACTION' ? 
p_angle_deg         ?     ?     ? ? 'X-RAY DIFFRACTION' ? 
p_planar_d          0.073 0.050 ? ? 'X-RAY DIFFRACTION' ? 
p_hb_or_metal_coord ?     ?     ? ? 'X-RAY DIFFRACTION' ? 
p_mcbond_it         2.079 1.500 ? ? 'X-RAY DIFFRACTION' ? 
p_mcangle_it        2.913 2.000 ? ? 'X-RAY DIFFRACTION' ? 
p_scbond_it         4.043 2.000 ? ? 'X-RAY DIFFRACTION' ? 
p_scangle_it        6.281 3.000 ? ? 'X-RAY DIFFRACTION' ? 
p_plane_restr       0.016 0.020 ? ? 'X-RAY DIFFRACTION' ? 
p_chiral_restr      0.244 0.150 ? ? 'X-RAY DIFFRACTION' ? 
p_singtor_nbd       0.189 0.500 ? ? 'X-RAY DIFFRACTION' ? 
p_multtor_nbd       0.209 0.500 ? ? 'X-RAY DIFFRACTION' ? 
p_xhyhbond_nbd      0.544 0.500 ? ? 'X-RAY DIFFRACTION' ? 
p_xyhbond_nbd       ?     ?     ? ? 'X-RAY DIFFRACTION' ? 
p_planar_tor        ?     ?     ? ? 'X-RAY DIFFRACTION' ? 
p_staggered_tor     ?     ?     ? ? 'X-RAY DIFFRACTION' ? 
p_orthonormal_tor   ?     ?     ? ? 'X-RAY DIFFRACTION' ? 
p_transverse_tor    ?     ?     ? ? 'X-RAY DIFFRACTION' ? 
p_special_tor       ?     ?     ? ? 'X-RAY DIFFRACTION' ? 
# 
_struct_ncs_oper.id             1 
_struct_ncs_oper.code           given 
_struct_ncs_oper.details        ? 
_struct_ncs_oper.matrix[1][1]   -0.99681041 
_struct_ncs_oper.matrix[1][2]   0.06101179 
_struct_ncs_oper.matrix[1][3]   -0.05136431 
_struct_ncs_oper.matrix[2][1]   -0.01687017 
_struct_ncs_oper.matrix[2][2]   -0.79078620 
_struct_ncs_oper.matrix[2][3]   -0.61185963 
_struct_ncs_oper.matrix[3][1]   -0.07795297 
_struct_ncs_oper.matrix[3][2]   -0.60904708 
_struct_ncs_oper.matrix[3][3]   0.78929662 
_struct_ncs_oper.vector[1]      -0.26926 
_struct_ncs_oper.vector[2]      -0.14323 
_struct_ncs_oper.vector[3]      0.89230 
# 
_struct.entry_id                  2MLT 
_struct.title                     MELITTIN 
_struct.pdbx_model_details        ? 
_struct.pdbx_CASP_flag            ? 
_struct.pdbx_model_type_details   ? 
# 
_struct_keywords.entry_id        2MLT 
_struct_keywords.pdbx_keywords   'TOXIN (HEMOLYTIC POLYPEPTIDE)' 
_struct_keywords.text            'TOXIN (HEMOLYTIC POLYPEPTIDE)' 
# 
loop_
_struct_asym.id 
_struct_asym.pdbx_blank_PDB_chainid_flag 
_struct_asym.pdbx_modified 
_struct_asym.entity_id 
_struct_asym.details 
A N N 1 ? 
B N N 1 ? 
C N N 2 ? 
D N N 2 ? 
E N N 3 ? 
F N N 3 ? 
# 
_struct_ref.id                         1 
_struct_ref.db_name                    UNP 
_struct_ref.db_code                    MEL_APIME 
_struct_ref.entity_id                  1 
_struct_ref.pdbx_db_accession          P01501 
_struct_ref.pdbx_align_begin           1 
_struct_ref.pdbx_seq_one_letter_code   MKFLVNVALVFMVVYISYIYAAPEPEPAPEPEAEADAEADPEAGIGAVLKVLTTGLPALISWIKRKRQQG 
_struct_ref.pdbx_db_isoform            ? 
# 
loop_
_struct_ref_seq.align_id 
_struct_ref_seq.ref_id 
_struct_ref_seq.pdbx_PDB_id_code 
_struct_ref_seq.pdbx_strand_id 
_struct_ref_seq.seq_align_beg 
_struct_ref_seq.pdbx_seq_align_beg_ins_code 
_struct_ref_seq.seq_align_end 
_struct_ref_seq.pdbx_seq_align_end_ins_code 
_struct_ref_seq.pdbx_db_accession 
_struct_ref_seq.db_align_beg 
_struct_ref_seq.pdbx_db_align_beg_ins_code 
_struct_ref_seq.db_align_end 
_struct_ref_seq.pdbx_db_align_end_ins_code 
_struct_ref_seq.pdbx_auth_seq_align_beg 
_struct_ref_seq.pdbx_auth_seq_align_end 
1 1 2MLT A 1 ? 26 ? P01501 44 ? 69 ? 1 26 
2 1 2MLT B 1 ? 26 ? P01501 44 ? 69 ? 1 26 
# 
_pdbx_struct_assembly.id                   1 
_pdbx_struct_assembly.details              author_and_software_defined_assembly 
_pdbx_struct_assembly.method_details       PISA,PQS 
_pdbx_struct_assembly.oligomeric_details   tetrameric 
_pdbx_struct_assembly.oligomeric_count     4 
# 
loop_
_pdbx_struct_assembly_prop.biol_id 
_pdbx_struct_assembly_prop.type 
_pdbx_struct_assembly_prop.value 
_pdbx_struct_assembly_prop.details 
1 'ABSA (A^2)' 5220 ? 
1 MORE         -84  ? 
1 'SSA (A^2)'  6280 ? 
# 
_pdbx_struct_assembly_gen.assembly_id       1 
_pdbx_struct_assembly_gen.oper_expression   1,2 
_pdbx_struct_assembly_gen.asym_id_list      A,B,C,D,E,F 
# 
loop_
_pdbx_struct_oper_list.id 
_pdbx_struct_oper_list.type 
_pdbx_struct_oper_list.name 
_pdbx_struct_oper_list.symmetry_operation 
_pdbx_struct_oper_list.matrix[1][1] 
_pdbx_struct_oper_list.matrix[1][2] 
_pdbx_struct_oper_list.matrix[1][3] 
_pdbx_struct_oper_list.vector[1] 
_pdbx_struct_oper_list.matrix[2][1] 
_pdbx_struct_oper_list.matrix[2][2] 
_pdbx_struct_oper_list.matrix[2][3] 
_pdbx_struct_oper_list.vector[2] 
_pdbx_struct_oper_list.matrix[3][1] 
_pdbx_struct_oper_list.matrix[3][2] 
_pdbx_struct_oper_list.matrix[3][3] 
_pdbx_struct_oper_list.vector[3] 
1 'identity operation'         1_555 x,y,z     1.0000000000  0.0000000000 0.0000000000 0.0000000000 0.0000000000 1.0000000000 0.0000000000 0.0000000000 0.0000000000 0.0000000000 1.0000000000  0.0000000000  
2 'crystal symmetry operation' 4_556 x,-y,-z+1 -0.9998122514 0.0185592959 0.0055690709 0.4530144975 0.0185592959 0.8346203660 0.5505128492 2.5579457406 0.0055690709 0.5505128492 -0.8348081147 -8.5397951888 
# 
_struct_biol.id   1 
# 
loop_
_struct_conf.conf_type_id 
_struct_conf.id 
_struct_conf.pdbx_PDB_helix_id 
_struct_conf.beg_label_comp_id 
_struct_conf.beg_label_asym_id 
_struct_conf.beg_label_seq_id 
_struct_conf.pdbx_beg_PDB_ins_code 
_struct_conf.end_label_comp_id 
_struct_conf.end_label_asym_id 
_struct_conf.end_label_seq_id 
_struct_conf.pdbx_end_PDB_ins_code 
_struct_conf.beg_auth_comp_id 
_struct_conf.beg_auth_asym_id 
_struct_conf.beg_auth_seq_id 
_struct_conf.end_auth_comp_id 
_struct_conf.end_auth_asym_id 
_struct_conf.end_auth_seq_id 
_struct_conf.pdbx_PDB_helix_class 
_struct_conf.details 
_struct_conf.pdbx_PDB_helix_length 
HELX_P HELX_P1 AA GLY A 1  ? THR A 11 ? GLY A 1  THR A 11 1 ? 11 
HELX_P HELX_P2 BA PRO A 14 ? GLN A 26 ? PRO A 14 GLN A 26 1 ? 13 
HELX_P HELX_P3 AB GLY B 1  ? THR B 11 ? GLY B 1  THR B 11 1 ? 11 
HELX_P HELX_P4 BB PRO B 14 ? GLN B 26 ? PRO B 14 GLN B 26 1 ? 13 
# 
_struct_conf_type.id          HELX_P 
_struct_conf_type.criteria    ? 
_struct_conf_type.reference   ? 
# 
loop_
_struct_conn.id 
_struct_conn.conn_type_id 
_struct_conn.pdbx_leaving_atom_flag 
_struct_conn.pdbx_PDB_id 
_struct_conn.ptnr1_label_asym_id 
_struct_conn.ptnr1_label_comp_id 
_struct_conn.ptnr1_label_seq_id 
_struct_conn.ptnr1_label_atom_id 
_struct_conn.pdbx_ptnr1_label_alt_id 
_struct_conn.pdbx_ptnr1_PDB_ins_code 
_struct_conn.pdbx_ptnr1_standard_comp_id 
_struct_conn.ptnr1_symmetry 
_struct_conn.ptnr2_label_asym_id 
_struct_conn.ptnr2_label_comp_id 
_struct_conn.ptnr2_label_seq_id 
_struct_conn.ptnr2_label_atom_id 
_struct_conn.pdbx_ptnr2_label_alt_id 
_struct_conn.pdbx_ptnr2_PDB_ins_code 
_struct_conn.ptnr1_auth_asym_id 
_struct_conn.ptnr1_auth_comp_id 
_struct_conn.ptnr1_auth_seq_id 
_struct_conn.ptnr2_auth_asym_id 
_struct_conn.ptnr2_auth_comp_id 
_struct_conn.ptnr2_auth_seq_id 
_struct_conn.ptnr2_symmetry 
_struct_conn.pdbx_ptnr3_label_atom_id 
_struct_conn.pdbx_ptnr3_label_seq_id 
_struct_conn.pdbx_ptnr3_label_comp_id 
_struct_conn.pdbx_ptnr3_label_asym_id 
_struct_conn.pdbx_ptnr3_label_alt_id 
_struct_conn.pdbx_ptnr3_PDB_ins_code 
_struct_conn.details 
_struct_conn.pdbx_dist_value 
_struct_conn.pdbx_value_order 
_struct_conn.pdbx_role 
covale1 covale both ? A GLN 26 C ? ? ? 1_555 A NH2 27 N ? ? A GLN 26 A NH2 27 1_555 ? ? ? ? ? ? ? 1.319 ? ? 
covale2 covale both ? B GLN 26 C ? ? ? 1_555 B NH2 27 N ? ? B GLN 26 B NH2 27 1_555 ? ? ? ? ? ? ? 1.302 ? ? 
# 
_struct_conn_type.id          covale 
_struct_conn_type.criteria    ? 
_struct_conn_type.reference   ? 
# 
loop_
_pdbx_modification_feature.ordinal 
_pdbx_modification_feature.label_comp_id 
_pdbx_modification_feature.label_asym_id 
_pdbx_modification_feature.label_seq_id 
_pdbx_modification_feature.label_alt_id 
_pdbx_modification_feature.modified_residue_label_comp_id 
_pdbx_modification_feature.modified_residue_label_asym_id 
_pdbx_modification_feature.modified_residue_label_seq_id 
_pdbx_modification_feature.modified_residue_label_alt_id 
_pdbx_modification_feature.auth_comp_id 
_pdbx_modification_feature.auth_asym_id 
_pdbx_modification_feature.auth_seq_id 
_pdbx_modification_feature.PDB_ins_code 
_pdbx_modification_feature.symmetry 
_pdbx_modification_feature.modified_residue_auth_comp_id 
_pdbx_modification_feature.modified_residue_auth_asym_id 
_pdbx_modification_feature.modified_residue_auth_seq_id 
_pdbx_modification_feature.modified_residue_PDB_ins_code 
_pdbx_modification_feature.modified_residue_symmetry 
_pdbx_modification_feature.comp_id_linking_atom 
_pdbx_modification_feature.modified_residue_id_linking_atom 
_pdbx_modification_feature.modified_residue_id 
_pdbx_modification_feature.ref_pcm_id 
_pdbx_modification_feature.ref_comp_id 
_pdbx_modification_feature.type 
_pdbx_modification_feature.category 
1 NH2 A 27 ? GLN A 26 ? NH2 A 27 ? 1_555 GLN A 26 ? 1_555 . . GLN 18 NH2 None 'Terminal amidation' 
2 NH2 B 27 ? GLN B 26 ? NH2 B 27 ? 1_555 GLN B 26 ? 1_555 . . GLN 18 NH2 None 'Terminal amidation' 
# 
loop_
_struct_site.id 
_struct_site.pdbx_evidence_code 
_struct_site.pdbx_auth_asym_id 
_struct_site.pdbx_auth_comp_id 
_struct_site.pdbx_auth_seq_id 
_struct_site.pdbx_auth_ins_code 
_struct_site.pdbx_num_residues 
_struct_site.details 
AC1 Software B SO4 28 ? 4 'BINDING SITE FOR RESIDUE SO4 B 28' 
AC2 Software B SO4 29 ? 7 'BINDING SITE FOR RESIDUE SO4 B 29' 
# 
loop_
_struct_site_gen.id 
_struct_site_gen.site_id 
_struct_site_gen.pdbx_num_res 
_struct_site_gen.label_comp_id 
_struct_site_gen.label_asym_id 
_struct_site_gen.label_seq_id 
_struct_site_gen.pdbx_auth_ins_code 
_struct_site_gen.auth_comp_id 
_struct_site_gen.auth_asym_id 
_struct_site_gen.auth_seq_id 
_struct_site_gen.label_atom_id 
_struct_site_gen.label_alt_id 
_struct_site_gen.symmetry 
_struct_site_gen.details 
1  AC1 4 ILE A 2  ? ILE A 2  . ? 1_555 ? 
2  AC1 4 GLY A 3  ? GLY A 3  . ? 1_555 ? 
3  AC1 4 TRP A 19 ? TRP A 19 . ? 8_546 ? 
4  AC1 4 ARG B 24 ? ARG B 24 . ? 1_555 ? 
5  AC2 7 ARG A 24 ? ARG A 24 . ? 1_555 ? 
6  AC2 7 ILE B 2  ? ILE B 2  . ? 1_555 ? 
7  AC2 7 GLY B 3  ? GLY B 3  . ? 1_555 ? 
8  AC2 7 TRP B 19 ? TRP B 19 . ? 8_456 ? 
9  AC2 7 LYS B 23 ? LYS B 23 . ? 8_456 ? 
10 AC2 7 ARG B 24 ? ARG B 24 . ? 5_455 ? 
11 AC2 7 HOH F .  ? HOH B 31 . ? 1_555 ? 
# 
_pdbx_entry_details.entry_id                   2MLT 
_pdbx_entry_details.compound_details           ? 
_pdbx_entry_details.source_details             ? 
_pdbx_entry_details.nonpolymer_details         ? 
_pdbx_entry_details.sequence_details           ? 
_pdbx_entry_details.has_ligand_of_interest     ? 
_pdbx_entry_details.has_protein_modification   Y 
# 
loop_
_pdbx_validate_rmsd_angle.id 
_pdbx_validate_rmsd_angle.PDB_model_num 
_pdbx_validate_rmsd_angle.auth_atom_id_1 
_pdbx_validate_rmsd_angle.auth_asym_id_1 
_pdbx_validate_rmsd_angle.auth_comp_id_1 
_pdbx_validate_rmsd_angle.auth_seq_id_1 
_pdbx_validate_rmsd_angle.PDB_ins_code_1 
_pdbx_validate_rmsd_angle.label_alt_id_1 
_pdbx_validate_rmsd_angle.auth_atom_id_2 
_pdbx_validate_rmsd_angle.auth_asym_id_2 
_pdbx_validate_rmsd_angle.auth_comp_id_2 
_pdbx_validate_rmsd_angle.auth_seq_id_2 
_pdbx_validate_rmsd_angle.PDB_ins_code_2 
_pdbx_validate_rmsd_angle.label_alt_id_2 
_pdbx_validate_rmsd_angle.auth_atom_id_3 
_pdbx_validate_rmsd_angle.auth_asym_id_3 
_pdbx_validate_rmsd_angle.auth_comp_id_3 
_pdbx_validate_rmsd_angle.auth_seq_id_3 
_pdbx_validate_rmsd_angle.PDB_ins_code_3 
_pdbx_validate_rmsd_angle.label_alt_id_3 
_pdbx_validate_rmsd_angle.angle_value 
_pdbx_validate_rmsd_angle.angle_target_value 
_pdbx_validate_rmsd_angle.angle_deviation 
_pdbx_validate_rmsd_angle.angle_standard_deviation 
_pdbx_validate_rmsd_angle.linker_flag 
1 1 CA A VAL 5  ? ? CB A VAL 5  ? ? CG2 A VAL 5  ? ? 120.08 110.90 9.18   1.50 N 
2 1 CB A LEU 6  ? ? CA A LEU 6  ? ? C   A LEU 6  ? ? 121.78 110.20 11.58  1.90 N 
3 1 NE A ARG 22 ? ? CZ A ARG 22 ? ? NH1 A ARG 22 ? ? 125.61 120.30 5.31   0.50 N 
4 1 NE A ARG 24 ? ? CZ A ARG 24 ? ? NH1 A ARG 24 ? ? 117.22 120.30 -3.08  0.50 N 
5 1 CA A GLN 26 ? ? C  A GLN 26 ? ? O   A GLN 26 ? ? 105.45 120.10 -14.65 2.10 N 
6 1 CD B ARG 22 ? ? NE B ARG 22 ? ? CZ  B ARG 22 ? ? 133.30 123.60 9.70   1.40 N 
7 1 CB B GLN 25 ? ? CG B GLN 25 ? ? CD  B GLN 25 ? ? 129.72 111.60 18.12  2.60 N 
8 1 O  B GLN 26 ? ? C  B GLN 26 ? ? N   B NH2 27 ? ? 133.33 122.70 10.63  1.60 Y 
# 
_pdbx_validate_torsion.id              1 
_pdbx_validate_torsion.PDB_model_num   1 
_pdbx_validate_torsion.auth_comp_id    THR 
_pdbx_validate_torsion.auth_asym_id    A 
_pdbx_validate_torsion.auth_seq_id     11 
_pdbx_validate_torsion.PDB_ins_code    ? 
_pdbx_validate_torsion.label_alt_id    ? 
_pdbx_validate_torsion.phi             -130.92 
_pdbx_validate_torsion.psi             -41.83 
# 
_pdbx_struct_special_symmetry.id              1 
_pdbx_struct_special_symmetry.PDB_model_num   1 
_pdbx_struct_special_symmetry.auth_asym_id    A 
_pdbx_struct_special_symmetry.auth_comp_id    HOH 
_pdbx_struct_special_symmetry.auth_seq_id     36 
_pdbx_struct_special_symmetry.PDB_ins_code    ? 
_pdbx_struct_special_symmetry.label_asym_id   E 
_pdbx_struct_special_symmetry.label_comp_id   HOH 
_pdbx_struct_special_symmetry.label_seq_id    . 
# 
loop_
_chem_comp_atom.comp_id 
_chem_comp_atom.atom_id 
_chem_comp_atom.type_symbol 
_chem_comp_atom.pdbx_aromatic_flag 
_chem_comp_atom.pdbx_stereo_config 
_chem_comp_atom.pdbx_ordinal 
ALA N    N N N 1   
ALA CA   C N S 2   
ALA C    C N N 3   
ALA O    O N N 4   
ALA CB   C N N 5   
ALA OXT  O N N 6   
ALA H    H N N 7   
ALA H2   H N N 8   
ALA HA   H N N 9   
ALA HB1  H N N 10  
ALA HB2  H N N 11  
ALA HB3  H N N 12  
ALA HXT  H N N 13  
ARG N    N N N 14  
ARG CA   C N S 15  
ARG C    C N N 16  
ARG O    O N N 17  
ARG CB   C N N 18  
ARG CG   C N N 19  
ARG CD   C N N 20  
ARG NE   N N N 21  
ARG CZ   C N N 22  
ARG NH1  N N N 23  
ARG NH2  N N N 24  
ARG OXT  O N N 25  
ARG H    H N N 26  
ARG H2   H N N 27  
ARG HA   H N N 28  
ARG HB2  H N N 29  
ARG HB3  H N N 30  
ARG HG2  H N N 31  
ARG HG3  H N N 32  
ARG HD2  H N N 33  
ARG HD3  H N N 34  
ARG HE   H N N 35  
ARG HH11 H N N 36  
ARG HH12 H N N 37  
ARG HH21 H N N 38  
ARG HH22 H N N 39  
ARG HXT  H N N 40  
GLN N    N N N 41  
GLN CA   C N S 42  
GLN C    C N N 43  
GLN O    O N N 44  
GLN CB   C N N 45  
GLN CG   C N N 46  
GLN CD   C N N 47  
GLN OE1  O N N 48  
GLN NE2  N N N 49  
GLN OXT  O N N 50  
GLN H    H N N 51  
GLN H2   H N N 52  
GLN HA   H N N 53  
GLN HB2  H N N 54  
GLN HB3  H N N 55  
GLN HG2  H N N 56  
GLN HG3  H N N 57  
GLN HE21 H N N 58  
GLN HE22 H N N 59  
GLN HXT  H N N 60  
GLY N    N N N 61  
GLY CA   C N N 62  
GLY C    C N N 63  
GLY O    O N N 64  
GLY OXT  O N N 65  
GLY H    H N N 66  
GLY H2   H N N 67  
GLY HA2  H N N 68  
GLY HA3  H N N 69  
GLY HXT  H N N 70  
HOH O    O N N 71  
HOH H1   H N N 72  
HOH H2   H N N 73  
ILE N    N N N 74  
ILE CA   C N S 75  
ILE C    C N N 76  
ILE O    O N N 77  
ILE CB   C N S 78  
ILE CG1  C N N 79  
ILE CG2  C N N 80  
ILE CD1  C N N 81  
ILE OXT  O N N 82  
ILE H    H N N 83  
ILE H2   H N N 84  
ILE HA   H N N 85  
ILE HB   H N N 86  
ILE HG12 H N N 87  
ILE HG13 H N N 88  
ILE HG21 H N N 89  
ILE HG22 H N N 90  
ILE HG23 H N N 91  
ILE HD11 H N N 92  
ILE HD12 H N N 93  
ILE HD13 H N N 94  
ILE HXT  H N N 95  
LEU N    N N N 96  
LEU CA   C N S 97  
LEU C    C N N 98  
LEU O    O N N 99  
LEU CB   C N N 100 
LEU CG   C N N 101 
LEU CD1  C N N 102 
LEU CD2  C N N 103 
LEU OXT  O N N 104 
LEU H    H N N 105 
LEU H2   H N N 106 
LEU HA   H N N 107 
LEU HB2  H N N 108 
LEU HB3  H N N 109 
LEU HG   H N N 110 
LEU HD11 H N N 111 
LEU HD12 H N N 112 
LEU HD13 H N N 113 
LEU HD21 H N N 114 
LEU HD22 H N N 115 
LEU HD23 H N N 116 
LEU HXT  H N N 117 
LYS N    N N N 118 
LYS CA   C N S 119 
LYS C    C N N 120 
LYS O    O N N 121 
LYS CB   C N N 122 
LYS CG   C N N 123 
LYS CD   C N N 124 
LYS CE   C N N 125 
LYS NZ   N N N 126 
LYS OXT  O N N 127 
LYS H    H N N 128 
LYS H2   H N N 129 
LYS HA   H N N 130 
LYS HB2  H N N 131 
LYS HB3  H N N 132 
LYS HG2  H N N 133 
LYS HG3  H N N 134 
LYS HD2  H N N 135 
LYS HD3  H N N 136 
LYS HE2  H N N 137 
LYS HE3  H N N 138 
LYS HZ1  H N N 139 
LYS HZ2  H N N 140 
LYS HZ3  H N N 141 
LYS HXT  H N N 142 
NH2 N    N N N 143 
NH2 HN1  H N N 144 
NH2 HN2  H N N 145 
PRO N    N N N 146 
PRO CA   C N S 147 
PRO C    C N N 148 
PRO O    O N N 149 
PRO CB   C N N 150 
PRO CG   C N N 151 
PRO CD   C N N 152 
PRO OXT  O N N 153 
PRO H    H N N 154 
PRO HA   H N N 155 
PRO HB2  H N N 156 
PRO HB3  H N N 157 
PRO HG2  H N N 158 
PRO HG3  H N N 159 
PRO HD2  H N N 160 
PRO HD3  H N N 161 
PRO HXT  H N N 162 
SER N    N N N 163 
SER CA   C N S 164 
SER C    C N N 165 
SER O    O N N 166 
SER CB   C N N 167 
SER OG   O N N 168 
SER OXT  O N N 169 
SER H    H N N 170 
SER H2   H N N 171 
SER HA   H N N 172 
SER HB2  H N N 173 
SER HB3  H N N 174 
SER HG   H N N 175 
SER HXT  H N N 176 
SO4 S    S N N 177 
SO4 O1   O N N 178 
SO4 O2   O N N 179 
SO4 O3   O N N 180 
SO4 O4   O N N 181 
THR N    N N N 182 
THR CA   C N S 183 
THR C    C N N 184 
THR O    O N N 185 
THR CB   C N R 186 
THR OG1  O N N 187 
THR CG2  C N N 188 
THR OXT  O N N 189 
THR H    H N N 190 
THR H2   H N N 191 
THR HA   H N N 192 
THR HB   H N N 193 
THR HG1  H N N 194 
THR HG21 H N N 195 
THR HG22 H N N 196 
THR HG23 H N N 197 
THR HXT  H N N 198 
TRP N    N N N 199 
TRP CA   C N S 200 
TRP C    C N N 201 
TRP O    O N N 202 
TRP CB   C N N 203 
TRP CG   C Y N 204 
TRP CD1  C Y N 205 
TRP CD2  C Y N 206 
TRP NE1  N Y N 207 
TRP CE2  C Y N 208 
TRP CE3  C Y N 209 
TRP CZ2  C Y N 210 
TRP CZ3  C Y N 211 
TRP CH2  C Y N 212 
TRP OXT  O N N 213 
TRP H    H N N 214 
TRP H2   H N N 215 
TRP HA   H N N 216 
TRP HB2  H N N 217 
TRP HB3  H N N 218 
TRP HD1  H N N 219 
TRP HE1  H N N 220 
TRP HE3  H N N 221 
TRP HZ2  H N N 222 
TRP HZ3  H N N 223 
TRP HH2  H N N 224 
TRP HXT  H N N 225 
VAL N    N N N 226 
VAL CA   C N S 227 
VAL C    C N N 228 
VAL O    O N N 229 
VAL CB   C N N 230 
VAL CG1  C N N 231 
VAL CG2  C N N 232 
VAL OXT  O N N 233 
VAL H    H N N 234 
VAL H2   H N N 235 
VAL HA   H N N 236 
VAL HB   H N N 237 
VAL HG11 H N N 238 
VAL HG12 H N N 239 
VAL HG13 H N N 240 
VAL HG21 H N N 241 
VAL HG22 H N N 242 
VAL HG23 H N N 243 
VAL HXT  H N N 244 
# 
loop_
_chem_comp_bond.comp_id 
_chem_comp_bond.atom_id_1 
_chem_comp_bond.atom_id_2 
_chem_comp_bond.value_order 
_chem_comp_bond.pdbx_aromatic_flag 
_chem_comp_bond.pdbx_stereo_config 
_chem_comp_bond.pdbx_ordinal 
ALA N   CA   sing N N 1   
ALA N   H    sing N N 2   
ALA N   H2   sing N N 3   
ALA CA  C    sing N N 4   
ALA CA  CB   sing N N 5   
ALA CA  HA   sing N N 6   
ALA C   O    doub N N 7   
ALA C   OXT  sing N N 8   
ALA CB  HB1  sing N N 9   
ALA CB  HB2  sing N N 10  
ALA CB  HB3  sing N N 11  
ALA OXT HXT  sing N N 12  
ARG N   CA   sing N N 13  
ARG N   H    sing N N 14  
ARG N   H2   sing N N 15  
ARG CA  C    sing N N 16  
ARG CA  CB   sing N N 17  
ARG CA  HA   sing N N 18  
ARG C   O    doub N N 19  
ARG C   OXT  sing N N 20  
ARG CB  CG   sing N N 21  
ARG CB  HB2  sing N N 22  
ARG CB  HB3  sing N N 23  
ARG CG  CD   sing N N 24  
ARG CG  HG2  sing N N 25  
ARG CG  HG3  sing N N 26  
ARG CD  NE   sing N N 27  
ARG CD  HD2  sing N N 28  
ARG CD  HD3  sing N N 29  
ARG NE  CZ   sing N N 30  
ARG NE  HE   sing N N 31  
ARG CZ  NH1  sing N N 32  
ARG CZ  NH2  doub N N 33  
ARG NH1 HH11 sing N N 34  
ARG NH1 HH12 sing N N 35  
ARG NH2 HH21 sing N N 36  
ARG NH2 HH22 sing N N 37  
ARG OXT HXT  sing N N 38  
GLN N   CA   sing N N 39  
GLN N   H    sing N N 40  
GLN N   H2   sing N N 41  
GLN CA  C    sing N N 42  
GLN CA  CB   sing N N 43  
GLN CA  HA   sing N N 44  
GLN C   O    doub N N 45  
GLN C   OXT  sing N N 46  
GLN CB  CG   sing N N 47  
GLN CB  HB2  sing N N 48  
GLN CB  HB3  sing N N 49  
GLN CG  CD   sing N N 50  
GLN CG  HG2  sing N N 51  
GLN CG  HG3  sing N N 52  
GLN CD  OE1  doub N N 53  
GLN CD  NE2  sing N N 54  
GLN NE2 HE21 sing N N 55  
GLN NE2 HE22 sing N N 56  
GLN OXT HXT  sing N N 57  
GLY N   CA   sing N N 58  
GLY N   H    sing N N 59  
GLY N   H2   sing N N 60  
GLY CA  C    sing N N 61  
GLY CA  HA2  sing N N 62  
GLY CA  HA3  sing N N 63  
GLY C   O    doub N N 64  
GLY C   OXT  sing N N 65  
GLY OXT HXT  sing N N 66  
HOH O   H1   sing N N 67  
HOH O   H2   sing N N 68  
ILE N   CA   sing N N 69  
ILE N   H    sing N N 70  
ILE N   H2   sing N N 71  
ILE CA  C    sing N N 72  
ILE CA  CB   sing N N 73  
ILE CA  HA   sing N N 74  
ILE C   O    doub N N 75  
ILE C   OXT  sing N N 76  
ILE CB  CG1  sing N N 77  
ILE CB  CG2  sing N N 78  
ILE CB  HB   sing N N 79  
ILE CG1 CD1  sing N N 80  
ILE CG1 HG12 sing N N 81  
ILE CG1 HG13 sing N N 82  
ILE CG2 HG21 sing N N 83  
ILE CG2 HG22 sing N N 84  
ILE CG2 HG23 sing N N 85  
ILE CD1 HD11 sing N N 86  
ILE CD1 HD12 sing N N 87  
ILE CD1 HD13 sing N N 88  
ILE OXT HXT  sing N N 89  
LEU N   CA   sing N N 90  
LEU N   H    sing N N 91  
LEU N   H2   sing N N 92  
LEU CA  C    sing N N 93  
LEU CA  CB   sing N N 94  
LEU CA  HA   sing N N 95  
LEU C   O    doub N N 96  
LEU C   OXT  sing N N 97  
LEU CB  CG   sing N N 98  
LEU CB  HB2  sing N N 99  
LEU CB  HB3  sing N N 100 
LEU CG  CD1  sing N N 101 
LEU CG  CD2  sing N N 102 
LEU CG  HG   sing N N 103 
LEU CD1 HD11 sing N N 104 
LEU CD1 HD12 sing N N 105 
LEU CD1 HD13 sing N N 106 
LEU CD2 HD21 sing N N 107 
LEU CD2 HD22 sing N N 108 
LEU CD2 HD23 sing N N 109 
LEU OXT HXT  sing N N 110 
LYS N   CA   sing N N 111 
LYS N   H    sing N N 112 
LYS N   H2   sing N N 113 
LYS CA  C    sing N N 114 
LYS CA  CB   sing N N 115 
LYS CA  HA   sing N N 116 
LYS C   O    doub N N 117 
LYS C   OXT  sing N N 118 
LYS CB  CG   sing N N 119 
LYS CB  HB2  sing N N 120 
LYS CB  HB3  sing N N 121 
LYS CG  CD   sing N N 122 
LYS CG  HG2  sing N N 123 
LYS CG  HG3  sing N N 124 
LYS CD  CE   sing N N 125 
LYS CD  HD2  sing N N 126 
LYS CD  HD3  sing N N 127 
LYS CE  NZ   sing N N 128 
LYS CE  HE2  sing N N 129 
LYS CE  HE3  sing N N 130 
LYS NZ  HZ1  sing N N 131 
LYS NZ  HZ2  sing N N 132 
LYS NZ  HZ3  sing N N 133 
LYS OXT HXT  sing N N 134 
NH2 N   HN1  sing N N 135 
NH2 N   HN2  sing N N 136 
PRO N   CA   sing N N 137 
PRO N   CD   sing N N 138 
PRO N   H    sing N N 139 
PRO CA  C    sing N N 140 
PRO CA  CB   sing N N 141 
PRO CA  HA   sing N N 142 
PRO C   O    doub N N 143 
PRO C   OXT  sing N N 144 
PRO CB  CG   sing N N 145 
PRO CB  HB2  sing N N 146 
PRO CB  HB3  sing N N 147 
PRO CG  CD   sing N N 148 
PRO CG  HG2  sing N N 149 
PRO CG  HG3  sing N N 150 
PRO CD  HD2  sing N N 151 
PRO CD  HD3  sing N N 152 
PRO OXT HXT  sing N N 153 
SER N   CA   sing N N 154 
SER N   H    sing N N 155 
SER N   H2   sing N N 156 
SER CA  C    sing N N 157 
SER CA  CB   sing N N 158 
SER CA  HA   sing N N 159 
SER C   O    doub N N 160 
SER C   OXT  sing N N 161 
SER CB  OG   sing N N 162 
SER CB  HB2  sing N N 163 
SER CB  HB3  sing N N 164 
SER OG  HG   sing N N 165 
SER OXT HXT  sing N N 166 
SO4 S   O1   doub N N 167 
SO4 S   O2   doub N N 168 
SO4 S   O3   sing N N 169 
SO4 S   O4   sing N N 170 
THR N   CA   sing N N 171 
THR N   H    sing N N 172 
THR N   H2   sing N N 173 
THR CA  C    sing N N 174 
THR CA  CB   sing N N 175 
THR CA  HA   sing N N 176 
THR C   O    doub N N 177 
THR C   OXT  sing N N 178 
THR CB  OG1  sing N N 179 
THR CB  CG2  sing N N 180 
THR CB  HB   sing N N 181 
THR OG1 HG1  sing N N 182 
THR CG2 HG21 sing N N 183 
THR CG2 HG22 sing N N 184 
THR CG2 HG23 sing N N 185 
THR OXT HXT  sing N N 186 
TRP N   CA   sing N N 187 
TRP N   H    sing N N 188 
TRP N   H2   sing N N 189 
TRP CA  C    sing N N 190 
TRP CA  CB   sing N N 191 
TRP CA  HA   sing N N 192 
TRP C   O    doub N N 193 
TRP C   OXT  sing N N 194 
TRP CB  CG   sing N N 195 
TRP CB  HB2  sing N N 196 
TRP CB  HB3  sing N N 197 
TRP CG  CD1  doub Y N 198 
TRP CG  CD2  sing Y N 199 
TRP CD1 NE1  sing Y N 200 
TRP CD1 HD1  sing N N 201 
TRP CD2 CE2  doub Y N 202 
TRP CD2 CE3  sing Y N 203 
TRP NE1 CE2  sing Y N 204 
TRP NE1 HE1  sing N N 205 
TRP CE2 CZ2  sing Y N 206 
TRP CE3 CZ3  doub Y N 207 
TRP CE3 HE3  sing N N 208 
TRP CZ2 CH2  doub Y N 209 
TRP CZ2 HZ2  sing N N 210 
TRP CZ3 CH2  sing Y N 211 
TRP CZ3 HZ3  sing N N 212 
TRP CH2 HH2  sing N N 213 
TRP OXT HXT  sing N N 214 
VAL N   CA   sing N N 215 
VAL N   H    sing N N 216 
VAL N   H2   sing N N 217 
VAL CA  C    sing N N 218 
VAL CA  CB   sing N N 219 
VAL CA  HA   sing N N 220 
VAL C   O    doub N N 221 
VAL C   OXT  sing N N 222 
VAL CB  CG1  sing N N 223 
VAL CB  CG2  sing N N 224 
VAL CB  HB   sing N N 225 
VAL CG1 HG11 sing N N 226 
VAL CG1 HG12 sing N N 227 
VAL CG1 HG13 sing N N 228 
VAL CG2 HG21 sing N N 229 
VAL CG2 HG22 sing N N 230 
VAL CG2 HG23 sing N N 231 
VAL OXT HXT  sing N N 232 
# 
_atom_sites.entry_id                    2MLT 
_atom_sites.fract_transf_matrix[1][1]   -0.00015928 
_atom_sites.fract_transf_matrix[1][2]   -0.01574467 
_atom_sites.fract_transf_matrix[1][3]   -0.00472449 
_atom_sites.fract_transf_matrix[2][1]   -0.02606519 
_atom_sites.fract_transf_matrix[2][2]   -0.00021100 
_atom_sites.fract_transf_matrix[2][3]   0.00158192 
_atom_sites.fract_transf_matrix[3][1]   -0.00142954 
_atom_sites.fract_transf_matrix[3][2]   0.00680986 
_atom_sites.fract_transf_matrix[3][3]   -0.02264610 
_atom_sites.fract_transf_vector[1]      0.576726 
_atom_sites.fract_transf_vector[2]      0.012928 
_atom_sites.fract_transf_vector[3]      0.394928 
# 
loop_
_atom_type.symbol 
C 
N 
O 
S 
# 
loop_
_atom_site.group_PDB 
_atom_site.id 
_atom_site.type_symbol 
_atom_site.label_atom_id 
_atom_site.label_alt_id 
_atom_site.label_comp_id 
_atom_site.label_asym_id 
_atom_site.label_entity_id 
_atom_site.label_seq_id 
_atom_site.pdbx_PDB_ins_code 
_atom_site.Cartn_x 
_atom_site.Cartn_y 
_atom_site.Cartn_z 
_atom_site.occupancy 
_atom_site.B_iso_or_equiv 
_atom_site.pdbx_formal_charge 
_atom_site.auth_seq_id 
_atom_site.auth_comp_id 
_atom_site.auth_asym_id 
_atom_site.auth_atom_id 
_atom_site.pdbx_PDB_model_num 
ATOM   1   N N   . GLY A 1 1  ? 12.091  -4.551  -10.616 1.00 35.31 ? 1  GLY A N   1 
ATOM   2   C CA  . GLY A 1 1  ? 11.416  -5.863  -10.492 1.00 35.57 ? 1  GLY A CA  1 
ATOM   3   C C   . GLY A 1 1  ? 10.148  -5.776  -9.643  1.00 34.64 ? 1  GLY A C   1 
ATOM   4   O O   . GLY A 1 1  ? 9.905   -4.748  -8.965  1.00 35.82 ? 1  GLY A O   1 
ATOM   5   N N   . ILE A 1 2  ? 9.378   -6.865  -9.591  1.00 32.23 ? 2  ILE A N   1 
ATOM   6   C CA  . ILE A 1 2  ? 8.223   -6.993  -8.695  1.00 27.55 ? 2  ILE A CA  1 
ATOM   7   C C   . ILE A 1 2  ? 8.755   -6.949  -7.296  1.00 24.92 ? 2  ILE A C   1 
ATOM   8   O O   . ILE A 1 2  ? 8.080   -6.505  -6.378  1.00 23.73 ? 2  ILE A O   1 
ATOM   9   C CB  . ILE A 1 2  ? 7.352   -8.284  -8.976  1.00 30.10 ? 2  ILE A CB  1 
ATOM   10  C CG1 . ILE A 1 2  ? 6.782   -8.269  -10.395 1.00 29.64 ? 2  ILE A CG1 1 
ATOM   11  C CG2 . ILE A 1 2  ? 6.270   -8.620  -7.922  1.00 30.54 ? 2  ILE A CG2 1 
ATOM   12  C CD1 . ILE A 1 2  ? 6.238   -6.961  -10.952 1.00 32.44 ? 2  ILE A CD1 1 
ATOM   13  N N   . GLY A 1 3  ? 10.009  -7.439  -7.136  1.00 22.69 ? 3  GLY A N   1 
ATOM   14  C CA  . GLY A 1 3  ? 10.492  -7.688  -5.756  1.00 21.05 ? 3  GLY A CA  1 
ATOM   15  C C   . GLY A 1 3  ? 10.658  -6.234  -5.159  1.00 22.08 ? 3  GLY A C   1 
ATOM   16  O O   . GLY A 1 3  ? 10.384  -6.046  -3.965  1.00 22.86 ? 3  GLY A O   1 
ATOM   17  N N   . ALA A 1 4  ? 11.157  -5.388  -6.008  1.00 21.60 ? 4  ALA A N   1 
ATOM   18  C CA  . ALA A 1 4  ? 11.474  -3.989  -5.518  1.00 21.80 ? 4  ALA A CA  1 
ATOM   19  C C   . ALA A 1 4  ? 10.176  -3.244  -5.193  1.00 21.67 ? 4  ALA A C   1 
ATOM   20  O O   . ALA A 1 4  ? 10.031  -2.609  -4.146  1.00 22.21 ? 4  ALA A O   1 
ATOM   21  C CB  . ALA A 1 4  ? 12.221  -3.321  -6.666  1.00 22.97 ? 4  ALA A CB  1 
ATOM   22  N N   . VAL A 1 5  ? 9.173   -3.339  -6.067  1.00 22.13 ? 5  VAL A N   1 
ATOM   23  C CA  . VAL A 1 5  ? 7.830   -2.757  -5.940  1.00 19.34 ? 5  VAL A CA  1 
ATOM   24  C C   . VAL A 1 5  ? 7.146   -3.307  -4.715  1.00 18.81 ? 5  VAL A C   1 
ATOM   25  O O   . VAL A 1 5  ? 6.614   -2.633  -3.778  1.00 17.22 ? 5  VAL A O   1 
ATOM   26  C CB  . VAL A 1 5  ? 7.026   -2.870  -7.236  1.00 20.40 ? 5  VAL A CB  1 
ATOM   27  C CG1 . VAL A 1 5  ? 5.616   -2.279  -7.048  1.00 23.06 ? 5  VAL A CG1 1 
ATOM   28  C CG2 . VAL A 1 5  ? 7.600   -2.393  -8.505  1.00 21.67 ? 5  VAL A CG2 1 
ATOM   29  N N   . LEU A 1 6  ? 7.293   -4.635  -4.524  1.00 16.05 ? 6  LEU A N   1 
ATOM   30  C CA  . LEU A 1 6  ? 6.779   -5.301  -3.368  1.00 17.59 ? 6  LEU A CA  1 
ATOM   31  C C   . LEU A 1 6  ? 7.354   -4.812  -2.121  1.00 20.01 ? 6  LEU A C   1 
ATOM   32  O O   . LEU A 1 6  ? 6.598   -4.504  -1.100  1.00 21.90 ? 6  LEU A O   1 
ATOM   33  C CB  . LEU A 1 6  ? 6.797   -6.822  -3.746  1.00 24.58 ? 6  LEU A CB  1 
ATOM   34  C CG  . LEU A 1 6  ? 6.437   -7.692  -2.567  1.00 23.91 ? 6  LEU A CG  1 
ATOM   35  C CD1 . LEU A 1 6  ? 5.023   -7.392  -2.059  1.00 27.44 ? 6  LEU A CD1 1 
ATOM   36  C CD2 . LEU A 1 6  ? 6.544   -9.137  -3.127  1.00 29.31 ? 6  LEU A CD2 1 
ATOM   37  N N   . LYS A 1 7  ? 8.657   -4.606  -1.985  1.00 19.83 ? 7  LYS A N   1 
ATOM   38  C CA  . LYS A 1 7  ? 9.148   -4.051  -0.714  1.00 22.55 ? 7  LYS A CA  1 
ATOM   39  C C   . LYS A 1 7  ? 8.571   -2.642  -0.409  1.00 19.04 ? 7  LYS A C   1 
ATOM   40  O O   . LYS A 1 7  ? 8.417   -2.356  0.789   1.00 21.18 ? 7  LYS A O   1 
ATOM   41  C CB  . LYS A 1 7  ? 10.678  -3.829  -0.723  1.00 27.62 ? 7  LYS A CB  1 
ATOM   42  C CG  . LYS A 1 7  ? 11.511  -5.066  -0.654  1.00 40.15 ? 7  LYS A CG  1 
ATOM   43  C CD  . LYS A 1 7  ? 12.994  -4.695  -0.825  1.00 47.84 ? 7  LYS A CD  1 
ATOM   44  C CE  . LYS A 1 7  ? 13.941  -5.797  -0.346  1.00 53.11 ? 7  LYS A CE  1 
ATOM   45  N NZ  . LYS A 1 7  ? 15.316  -5.230  -0.080  1.00 55.47 ? 7  LYS A NZ  1 
ATOM   46  N N   . VAL A 1 8  ? 8.429   -1.785  -1.394  1.00 19.69 ? 8  VAL A N   1 
ATOM   47  C CA  . VAL A 1 8  ? 7.810   -0.460  -1.197  1.00 20.52 ? 8  VAL A CA  1 
ATOM   48  C C   . VAL A 1 8  ? 6.344   -0.551  -0.791  1.00 20.31 ? 8  VAL A C   1 
ATOM   49  O O   . VAL A 1 8  ? 5.914   0.224   0.126   1.00 20.12 ? 8  VAL A O   1 
ATOM   50  C CB  . VAL A 1 8  ? 7.965   0.580   -2.308  1.00 23.09 ? 8  VAL A CB  1 
ATOM   51  C CG1 . VAL A 1 8  ? 9.394   1.000   -2.574  1.00 24.22 ? 8  VAL A CG1 1 
ATOM   52  C CG2 . VAL A 1 8  ? 7.260   0.282   -3.571  1.00 27.95 ? 8  VAL A CG2 1 
ATOM   53  N N   . LEU A 1 9  ? 5.610   -1.499  -1.376  1.00 19.55 ? 9  LEU A N   1 
ATOM   54  C CA  . LEU A 1 9  ? 4.225   -1.689  -0.832  1.00 16.83 ? 9  LEU A CA  1 
ATOM   55  C C   . LEU A 1 9  ? 4.200   -1.997  0.616   1.00 19.11 ? 9  LEU A C   1 
ATOM   56  O O   . LEU A 1 9  ? 3.148   -1.736  1.346   1.00 19.69 ? 9  LEU A O   1 
ATOM   57  C CB  . LEU A 1 9  ? 3.517   -2.845  -1.577  1.00 16.57 ? 9  LEU A CB  1 
ATOM   58  C CG  . LEU A 1 9  ? 3.429   -2.648  -3.048  1.00 18.69 ? 9  LEU A CG  1 
ATOM   59  C CD1 . LEU A 1 9  ? 2.599   -3.846  -3.625  1.00 24.09 ? 9  LEU A CD1 1 
ATOM   60  C CD2 . LEU A 1 9  ? 2.841   -1.295  -3.374  1.00 22.17 ? 9  LEU A CD2 1 
ATOM   61  N N   . THR A 1 10 ? 5.220   -2.716  1.092   1.00 19.39 ? 10 THR A N   1 
ATOM   62  C CA  . THR A 1 10 ? 5.188   -3.150  2.477   1.00 19.41 ? 10 THR A CA  1 
ATOM   63  C C   . THR A 1 10 ? 5.751   -2.114  3.408   1.00 21.08 ? 10 THR A C   1 
ATOM   64  O O   . THR A 1 10 ? 5.356   -2.079  4.620   1.00 21.48 ? 10 THR A O   1 
ATOM   65  C CB  . THR A 1 10 ? 5.881   -4.609  2.620   1.00 24.07 ? 10 THR A CB  1 
ATOM   66  O OG1 . THR A 1 10 ? 7.249   -4.251  2.779   1.00 31.20 ? 10 THR A OG1 1 
ATOM   67  C CG2 . THR A 1 10 ? 5.681   -5.472  1.363   1.00 20.75 ? 10 THR A CG2 1 
ATOM   68  N N   . THR A 1 11 ? 6.566   -1.193  2.948   1.00 21.12 ? 11 THR A N   1 
ATOM   69  C CA  . THR A 1 11 ? 7.157   -0.277  3.991   1.00 24.14 ? 11 THR A CA  1 
ATOM   70  C C   . THR A 1 11 ? 7.016   1.156   3.597   1.00 24.13 ? 11 THR A C   1 
ATOM   71  O O   . THR A 1 11 ? 6.648   2.012   4.412   1.00 27.78 ? 11 THR A O   1 
ATOM   72  C CB  . THR A 1 11 ? 8.696   -0.698  4.194   1.00 27.78 ? 11 THR A CB  1 
ATOM   73  O OG1 . THR A 1 11 ? 9.282   -0.560  2.877   1.00 31.22 ? 11 THR A OG1 1 
ATOM   74  C CG2 . THR A 1 11 ? 8.772   -2.134  4.687   1.00 30.31 ? 11 THR A CG2 1 
ATOM   75  N N   . GLY A 1 12 ? 7.245   1.484   2.343   1.00 23.00 ? 12 GLY A N   1 
ATOM   76  C CA  . GLY A 1 12 ? 7.203   2.969   2.039   1.00 24.17 ? 12 GLY A CA  1 
ATOM   77  C C   . GLY A 1 12 ? 5.755   3.391   1.793   1.00 24.45 ? 12 GLY A C   1 
ATOM   78  O O   . GLY A 1 12 ? 5.512   4.548   2.136   1.00 23.79 ? 12 GLY A O   1 
ATOM   79  N N   . LEU A 1 13 ? 4.834   2.597   1.231   1.00 22.05 ? 13 LEU A N   1 
ATOM   80  C CA  . LEU A 1 13 ? 3.457   2.966   0.994   1.00 23.24 ? 13 LEU A CA  1 
ATOM   81  C C   . LEU A 1 13 ? 2.613   3.303   2.236   1.00 21.24 ? 13 LEU A C   1 
ATOM   82  O O   . LEU A 1 13 ? 1.907   4.376   2.232   1.00 23.02 ? 13 LEU A O   1 
ATOM   83  C CB  . LEU A 1 13 ? 2.671   1.974   0.071   1.00 25.55 ? 13 LEU A CB  1 
ATOM   84  C CG  . LEU A 1 13 ? 1.934   2.578   -1.106  1.00 27.01 ? 13 LEU A CG  1 
ATOM   85  C CD1 . LEU A 1 13 ? 0.895   1.647   -1.748  1.00 27.53 ? 13 LEU A CD1 1 
ATOM   86  C CD2 . LEU A 1 13 ? 1.256   3.894   -0.855  1.00 24.54 ? 13 LEU A CD2 1 
ATOM   87  N N   . PRO A 1 14 ? 2.657   2.533   3.276   1.00 17.38 ? 14 PRO A N   1 
ATOM   88  C CA  . PRO A 1 14 ? 2.029   2.853   4.538   1.00 17.52 ? 14 PRO A CA  1 
ATOM   89  C C   . PRO A 1 14 ? 2.445   4.248   5.112   1.00 18.98 ? 14 PRO A C   1 
ATOM   90  O O   . PRO A 1 14 ? 1.593   5.036   5.521   1.00 16.75 ? 14 PRO A O   1 
ATOM   91  C CB  . PRO A 1 14 ? 2.429   1.723   5.443   1.00 17.80 ? 14 PRO A CB  1 
ATOM   92  C CG  . PRO A 1 14 ? 2.978   0.648   4.575   1.00 18.05 ? 14 PRO A CG  1 
ATOM   93  C CD  . PRO A 1 14 ? 3.047   1.090   3.170   1.00 17.96 ? 14 PRO A CD  1 
ATOM   94  N N   . ALA A 1 15 ? 3.727   4.563   5.114   1.00 16.39 ? 15 ALA A N   1 
ATOM   95  C CA  . ALA A 1 15 ? 4.214   5.851   5.622   1.00 17.10 ? 15 ALA A CA  1 
ATOM   96  C C   . ALA A 1 15 ? 3.747   6.966   4.703   1.00 16.98 ? 15 ALA A C   1 
ATOM   97  O O   . ALA A 1 15 ? 3.305   8.012   5.236   1.00 16.78 ? 15 ALA A O   1 
ATOM   98  C CB  . ALA A 1 15 ? 5.714   5.877   5.767   1.00 19.58 ? 15 ALA A CB  1 
ATOM   99  N N   . LEU A 1 16 ? 3.771   6.781   3.415   1.00 15.97 ? 16 LEU A N   1 
ATOM   100 C CA  . LEU A 1 16 ? 3.236   7.715   2.449   1.00 18.20 ? 16 LEU A CA  1 
ATOM   101 C C   . LEU A 1 16 ? 1.763   8.031   2.645   1.00 20.28 ? 16 LEU A C   1 
ATOM   102 O O   . LEU A 1 16 ? 1.303   9.169   2.400   1.00 18.32 ? 16 LEU A O   1 
ATOM   103 C CB  . LEU A 1 16 ? 3.533   7.244   1.043   1.00 19.70 ? 16 LEU A CB  1 
ATOM   104 C CG  . LEU A 1 16 ? 2.978   8.045   -0.124  1.00 22.23 ? 16 LEU A CG  1 
ATOM   105 C CD1 . LEU A 1 16 ? 3.654   9.443   -0.097  1.00 27.80 ? 16 LEU A CD1 1 
ATOM   106 C CD2 . LEU A 1 16 ? 3.326   7.323   -1.421  1.00 21.91 ? 16 LEU A CD2 1 
ATOM   107 N N   . ILE A 1 17 ? 0.985   7.003   2.963   1.00 20.97 ? 17 ILE A N   1 
ATOM   108 C CA  . ILE A 1 17 ? -0.421  7.106   3.264   1.00 20.41 ? 17 ILE A CA  1 
ATOM   109 C C   . ILE A 1 17 ? -0.693  8.065   4.469   1.00 18.17 ? 17 ILE A C   1 
ATOM   110 O O   . ILE A 1 17 ? -1.564  8.880   4.221   1.00 16.46 ? 17 ILE A O   1 
ATOM   111 C CB  . ILE A 1 17 ? -1.194  5.776   3.421   1.00 21.10 ? 17 ILE A CB  1 
ATOM   112 C CG1 . ILE A 1 17 ? -1.288  5.162   1.966   1.00 25.66 ? 17 ILE A CG1 1 
ATOM   113 C CG2 . ILE A 1 17 ? -2.602  5.936   4.019   1.00 22.04 ? 17 ILE A CG2 1 
ATOM   114 C CD1 . ILE A 1 17 ? -2.125  3.884   1.835   1.00 27.00 ? 17 ILE A CD1 1 
ATOM   115 N N   . SER A 1 18 ? 0.007   7.898   5.527   1.00 16.97 ? 18 SER A N   1 
ATOM   116 C CA  . SER A 1 18 ? 0.005   8.693   6.721   1.00 19.98 ? 18 SER A CA  1 
ATOM   117 C C   . SER A 1 18 ? 0.397   10.166  6.413   1.00 18.89 ? 18 SER A C   1 
ATOM   118 O O   . SER A 1 18 ? -0.347  11.038  6.812   1.00 18.37 ? 18 SER A O   1 
ATOM   119 C CB  . SER A 1 18 ? 0.865   8.099   7.799   1.00 20.39 ? 18 SER A CB  1 
ATOM   120 O OG  . SER A 1 18 ? 0.919   8.988   8.921   1.00 23.87 ? 18 SER A OG  1 
ATOM   121 N N   . TRP A 1 19 ? 1.417   10.370  5.654   1.00 17.71 ? 19 TRP A N   1 
ATOM   122 C CA  . TRP A 1 19 ? 1.795   11.615  5.042   1.00 15.72 ? 19 TRP A CA  1 
ATOM   123 C C   . TRP A 1 19 ? 0.656   12.266  4.335   1.00 18.02 ? 19 TRP A C   1 
ATOM   124 O O   . TRP A 1 19 ? 0.420   13.516  4.571   1.00 16.93 ? 19 TRP A O   1 
ATOM   125 C CB  . TRP A 1 19 ? 3.073   11.476  4.202   1.00 15.59 ? 19 TRP A CB  1 
ATOM   126 C CG  . TRP A 1 19 ? 3.610   12.749  3.598   1.00 17.94 ? 19 TRP A CG  1 
ATOM   127 C CD1 . TRP A 1 19 ? 4.602   13.471  4.242   1.00 18.03 ? 19 TRP A CD1 1 
ATOM   128 C CD2 . TRP A 1 19 ? 3.283   13.479  2.412   1.00 16.03 ? 19 TRP A CD2 1 
ATOM   129 N NE1 . TRP A 1 19 ? 4.902   14.586  3.499   1.00 21.28 ? 19 TRP A NE1 1 
ATOM   130 C CE2 . TRP A 1 19 ? 4.151   14.626  2.356   1.00 20.45 ? 19 TRP A CE2 1 
ATOM   131 C CE3 . TRP A 1 19 ? 2.367   13.349  1.377   1.00 14.41 ? 19 TRP A CE3 1 
ATOM   132 C CZ2 . TRP A 1 19 ? 4.148   15.532  1.331   1.00 17.15 ? 19 TRP A CZ2 1 
ATOM   133 C CZ3 . TRP A 1 19 ? 2.356   14.268  0.357   1.00 17.24 ? 19 TRP A CZ3 1 
ATOM   134 C CH2 . TRP A 1 19 ? 3.201   15.382  0.311   1.00 15.13 ? 19 TRP A CH2 1 
ATOM   135 N N   . ILE A 1 20 ? 0.010   11.683  3.352   1.00 14.82 ? 20 ILE A N   1 
ATOM   136 C CA  . ILE A 1 20 ? -1.081  12.235  2.601   1.00 15.67 ? 20 ILE A CA  1 
ATOM   137 C C   . ILE A 1 20 ? -2.217  12.709  3.533   1.00 17.51 ? 20 ILE A C   1 
ATOM   138 O O   . ILE A 1 20 ? -2.787  13.803  3.296   1.00 17.70 ? 20 ILE A O   1 
ATOM   139 C CB  . ILE A 1 20 ? -1.696  11.221  1.568   1.00 16.25 ? 20 ILE A CB  1 
ATOM   140 C CG1 . ILE A 1 20 ? -0.550  10.924  0.502   1.00 15.50 ? 20 ILE A CG1 1 
ATOM   141 C CG2 . ILE A 1 20 ? -2.973  11.757  0.878   1.00 14.54 ? 20 ILE A CG2 1 
ATOM   142 C CD1 . ILE A 1 20 ? -0.899  9.514   -0.186  1.00 18.18 ? 20 ILE A CD1 1 
ATOM   143 N N   . LYS A 1 21 ? -2.512  11.859  4.471   1.00 16.61 ? 21 LYS A N   1 
ATOM   144 C CA  . LYS A 1 21 ? -3.515  12.172  5.465   1.00 19.84 ? 21 LYS A CA  1 
ATOM   145 C C   . LYS A 1 21 ? -3.151  13.449  6.250   1.00 21.02 ? 21 LYS A C   1 
ATOM   146 O O   . LYS A 1 21 ? -4.144  14.223  6.316   1.00 22.80 ? 21 LYS A O   1 
ATOM   147 C CB  . LYS A 1 21 ? -3.858  11.041  6.425   1.00 16.73 ? 21 LYS A CB  1 
ATOM   148 C CG  . LYS A 1 21 ? -4.671  9.996   5.601   1.00 22.19 ? 21 LYS A CG  1 
ATOM   149 C CD  . LYS A 1 21 ? -4.862  8.724   6.456   1.00 25.86 ? 21 LYS A CD  1 
ATOM   150 C CE  . LYS A 1 21 ? -5.528  7.693   5.552   1.00 32.91 ? 21 LYS A CE  1 
ATOM   151 N NZ  . LYS A 1 21 ? -5.751  6.407   6.272   1.00 39.11 ? 21 LYS A NZ  1 
ATOM   152 N N   . ARG A 1 22 ? -1.943  13.689  6.665   1.00 19.18 ? 22 ARG A N   1 
ATOM   153 C CA  . ARG A 1 22 ? -1.456  14.876  7.338   1.00 20.38 ? 22 ARG A CA  1 
ATOM   154 C C   . ARG A 1 22 ? -1.609  16.102  6.505   1.00 22.46 ? 22 ARG A C   1 
ATOM   155 O O   . ARG A 1 22 ? -2.126  17.184  6.948   1.00 23.24 ? 22 ARG A O   1 
ATOM   156 C CB  . ARG A 1 22 ? -0.010  14.722  7.829   1.00 22.73 ? 22 ARG A CB  1 
ATOM   157 C CG  . ARG A 1 22 ? -0.026  13.763  9.021   1.00 22.29 ? 22 ARG A CG  1 
ATOM   158 C CD  . ARG A 1 22 ? 1.275   13.741  9.717   1.00 25.78 ? 22 ARG A CD  1 
ATOM   159 N NE  . ARG A 1 22 ? 2.488   13.709  8.860   1.00 28.94 ? 22 ARG A NE  1 
ATOM   160 C CZ  . ARG A 1 22 ? 3.023   12.495  8.568   1.00 33.77 ? 22 ARG A CZ  1 
ATOM   161 N NH1 . ARG A 1 22 ? 2.502   11.311  8.911   1.00 31.21 ? 22 ARG A NH1 1 
ATOM   162 N NH2 . ARG A 1 22 ? 4.148   12.444  7.845   1.00 33.11 ? 22 ARG A NH2 1 
ATOM   163 N N   . LYS A 1 23 ? -1.255  16.004  5.255   1.00 20.49 ? 23 LYS A N   1 
ATOM   164 C CA  . LYS A 1 23 ? -1.313  17.082  4.299   1.00 22.62 ? 23 LYS A CA  1 
ATOM   165 C C   . LYS A 1 23 ? -2.774  17.500  3.941   1.00 25.47 ? 23 LYS A C   1 
ATOM   166 O O   . LYS A 1 23 ? -2.999  18.672  3.564   1.00 24.62 ? 23 LYS A O   1 
ATOM   167 C CB  . LYS A 1 23 ? -0.585  16.662  3.040   1.00 24.16 ? 23 LYS A CB  1 
ATOM   168 C CG  . LYS A 1 23 ? 0.939   16.904  3.148   1.00 31.03 ? 23 LYS A CG  1 
ATOM   169 C CD  . LYS A 1 23 ? 1.155   18.282  2.449   1.00 38.52 ? 23 LYS A CD  1 
ATOM   170 C CE  . LYS A 1 23 ? 2.502   18.858  2.784   1.00 44.05 ? 23 LYS A CE  1 
ATOM   171 N NZ  . LYS A 1 23 ? 2.943   19.958  1.833   1.00 48.30 ? 23 LYS A NZ  1 
ATOM   172 N N   . ARG A 1 24 ? -3.673  16.520  3.971   1.00 23.99 ? 24 ARG A N   1 
ATOM   173 C CA  . ARG A 1 24 ? -5.101  16.725  3.671   1.00 27.11 ? 24 ARG A CA  1 
ATOM   174 C C   . ARG A 1 24 ? -5.720  17.497  4.816   1.00 28.34 ? 24 ARG A C   1 
ATOM   175 O O   . ARG A 1 24 ? -6.558  18.399  4.525   1.00 31.82 ? 24 ARG A O   1 
ATOM   176 C CB  . ARG A 1 24 ? -5.813  15.365  3.399   1.00 22.24 ? 24 ARG A CB  1 
ATOM   177 C CG  . ARG A 1 24 ? -5.759  15.051  1.885   1.00 20.01 ? 24 ARG A CG  1 
ATOM   178 C CD  . ARG A 1 24 ? -6.271  13.679  1.619   1.00 25.00 ? 24 ARG A CD  1 
ATOM   179 N NE  . ARG A 1 24 ? -7.614  13.397  2.124   1.00 24.24 ? 24 ARG A NE  1 
ATOM   180 C CZ  . ARG A 1 24 ? -8.687  13.615  1.329   1.00 22.72 ? 24 ARG A CZ  1 
ATOM   181 N NH1 . ARG A 1 24 ? -8.472  14.203  0.186   1.00 24.10 ? 24 ARG A NH1 1 
ATOM   182 N NH2 . ARG A 1 24 ? -9.907  13.139  1.603   1.00 24.09 ? 24 ARG A NH2 1 
ATOM   183 N N   . GLN A 1 25 ? -5.369  17.243  6.024   1.00 29.90 ? 25 GLN A N   1 
ATOM   184 C CA  . GLN A 1 25 ? -5.956  18.001  7.181   1.00 37.50 ? 25 GLN A CA  1 
ATOM   185 C C   . GLN A 1 25 ? -5.389  19.382  7.336   1.00 39.92 ? 25 GLN A C   1 
ATOM   186 O O   . GLN A 1 25 ? -5.995  20.268  7.983   1.00 42.39 ? 25 GLN A O   1 
ATOM   187 C CB  . GLN A 1 25 ? -5.855  17.152  8.452   1.00 40.82 ? 25 GLN A CB  1 
ATOM   188 C CG  . GLN A 1 25 ? -6.654  15.856  8.190   1.00 46.91 ? 25 GLN A CG  1 
ATOM   189 C CD  . GLN A 1 25 ? -6.288  14.731  9.122   1.00 50.89 ? 25 GLN A CD  1 
ATOM   190 O OE1 . GLN A 1 25 ? -6.648  13.570  8.887   1.00 54.23 ? 25 GLN A OE1 1 
ATOM   191 N NE2 . GLN A 1 25 ? -5.533  15.095  10.167  1.00 51.61 ? 25 GLN A NE2 1 
ATOM   192 N N   . GLN A 1 26 ? -4.204  19.635  6.804   1.00 43.06 ? 26 GLN A N   1 
ATOM   193 C CA  . GLN A 1 26 ? -3.640  20.967  6.626   1.00 46.66 ? 26 GLN A CA  1 
ATOM   194 C C   . GLN A 1 26 ? -4.420  21.814  5.618   1.00 48.00 ? 26 GLN A C   1 
ATOM   195 O O   . GLN A 1 26 ? -4.666  22.901  6.211   1.00 50.85 ? 26 GLN A O   1 
ATOM   196 C CB  . GLN A 1 26 ? -2.174  21.048  6.266   1.00 49.14 ? 26 GLN A CB  1 
ATOM   197 C CG  . GLN A 1 26 ? -1.199  20.679  7.387   1.00 54.49 ? 26 GLN A CG  1 
ATOM   198 C CD  . GLN A 1 26 ? 0.187   20.506  6.734   1.00 58.10 ? 26 GLN A CD  1 
ATOM   199 O OE1 . GLN A 1 26 ? 0.493   21.237  5.760   1.00 59.27 ? 26 GLN A OE1 1 
ATOM   200 N NE2 . GLN A 1 26 ? 0.896   19.509  7.254   1.00 57.61 ? 26 GLN A NE2 1 
HETATM 201 N N   . NH2 A 1 27 ? -4.720  21.501  4.372   1.00 48.71 ? 27 NH2 A N   1 
ATOM   202 N N   . GLY B 1 1  ? -12.396 10.188  -5.379  1.00 32.45 ? 1  GLY B N   1 
ATOM   203 C CA  . GLY B 1 1  ? -11.163 11.041  -5.497  1.00 31.28 ? 1  GLY B CA  1 
ATOM   204 C C   . GLY B 1 1  ? -10.240 10.460  -4.400  1.00 31.22 ? 1  GLY B C   1 
ATOM   205 O O   . GLY B 1 1  ? -10.478 9.276   -4.078  1.00 29.98 ? 1  GLY B O   1 
ATOM   206 N N   . ILE B 1 2  ? -9.317  11.245  -3.881  1.00 28.85 ? 2  ILE B N   1 
ATOM   207 C CA  . ILE B 1 2  ? -8.246  10.783  -2.992  1.00 26.61 ? 2  ILE B CA  1 
ATOM   208 C C   . ILE B 1 2  ? -8.722  9.968   -1.831  1.00 24.79 ? 2  ILE B C   1 
ATOM   209 O O   . ILE B 1 2  ? -8.135  8.893   -1.474  1.00 23.51 ? 2  ILE B O   1 
ATOM   210 C CB  . ILE B 1 2  ? -7.299  11.923  -2.434  1.00 28.06 ? 2  ILE B CB  1 
ATOM   211 C CG1 . ILE B 1 2  ? -6.709  12.794  -3.540  1.00 32.06 ? 2  ILE B CG1 1 
ATOM   212 C CG2 . ILE B 1 2  ? -6.169  11.392  -1.511  1.00 26.41 ? 2  ILE B CG2 1 
ATOM   213 C CD1 . ILE B 1 2  ? -6.033  12.039  -4.687  1.00 33.88 ? 2  ILE B CD1 1 
ATOM   214 N N   . GLY B 1 3  ? -9.787  10.424  -1.141  1.00 24.09 ? 3  GLY B N   1 
ATOM   215 C CA  . GLY B 1 3  ? -10.204 9.786   0.120   1.00 20.83 ? 3  GLY B CA  1 
ATOM   216 C C   . GLY B 1 3  ? -10.658 8.272   -0.068  1.00 19.38 ? 3  GLY B C   1 
ATOM   217 O O   . GLY B 1 3  ? -10.456 7.500   0.846   1.00 20.22 ? 3  GLY B O   1 
ATOM   218 N N   . ALA B 1 4  ? -11.331 7.978   -1.107  1.00 19.33 ? 4  ALA B N   1 
ATOM   219 C CA  . ALA B 1 4  ? -11.860 6.629   -1.434  1.00 22.19 ? 4  ALA B CA  1 
ATOM   220 C C   . ALA B 1 4  ? -10.565 5.773   -1.785  1.00 20.97 ? 4  ALA B C   1 
ATOM   221 O O   . ALA B 1 4  ? -10.522 4.725   -1.193  1.00 27.69 ? 4  ALA B O   1 
ATOM   222 C CB  . ALA B 1 4  ? -12.657 6.784   -2.728  1.00 20.68 ? 4  ALA B CB  1 
ATOM   223 N N   . VAL B 1 5  ? -9.682  6.307   -2.598  1.00 21.99 ? 5  VAL B N   1 
ATOM   224 C CA  . VAL B 1 5  ? -8.346  5.672   -2.884  1.00 20.43 ? 5  VAL B CA  1 
ATOM   225 C C   . VAL B 1 5  ? -7.616  5.278   -1.661  1.00 19.18 ? 5  VAL B C   1 
ATOM   226 O O   . VAL B 1 5  ? -7.284  4.099   -1.299  1.00 18.23 ? 5  VAL B O   1 
ATOM   227 C CB  . VAL B 1 5  ? -7.511  6.558   -3.868  1.00 22.41 ? 5  VAL B CB  1 
ATOM   228 C CG1 . VAL B 1 5  ? -6.122  5.898   -4.030  1.00 20.25 ? 5  VAL B CG1 1 
ATOM   229 C CG2 . VAL B 1 5  ? -8.101  6.813   -5.204  1.00 19.72 ? 5  VAL B CG2 1 
ATOM   230 N N   . LEU B 1 6  ? -7.433  6.294   -0.713  1.00 13.46 ? 6  LEU B N   1 
ATOM   231 C CA  . LEU B 1 6  ? -6.793  5.917   0.497   1.00 15.03 ? 6  LEU B CA  1 
ATOM   232 C C   . LEU B 1 6  ? -7.491  4.819   1.210   1.00 17.62 ? 6  LEU B C   1 
ATOM   233 O O   . LEU B 1 6  ? -6.862  4.041   1.963   1.00 18.19 ? 6  LEU B O   1 
ATOM   234 C CB  . LEU B 1 6  ? -6.724  7.164   1.454   1.00 17.96 ? 6  LEU B CB  1 
ATOM   235 C CG  . LEU B 1 6  ? -5.989  8.326   0.730   1.00 18.65 ? 6  LEU B CG  1 
ATOM   236 C CD1 . LEU B 1 6  ? -5.991  9.555   1.708   1.00 20.72 ? 6  LEU B CD1 1 
ATOM   237 C CD2 . LEU B 1 6  ? -4.538  7.854   0.571   1.00 19.24 ? 6  LEU B CD2 1 
ATOM   238 N N   . LYS B 1 7  ? -8.819  4.916   1.151   1.00 18.17 ? 7  LYS B N   1 
ATOM   239 C CA  . LYS B 1 7  ? -9.552  3.961   2.063   1.00 20.35 ? 7  LYS B CA  1 
ATOM   240 C C   . LYS B 1 7  ? -9.396  2.512   1.475   1.00 19.60 ? 7  LYS B C   1 
ATOM   241 O O   . LYS B 1 7  ? -9.321  1.558   2.264   1.00 20.24 ? 7  LYS B O   1 
ATOM   242 C CB  . LYS B 1 7  ? -11.032 4.311   1.928   1.00 26.90 ? 7  LYS B CB  1 
ATOM   243 C CG  . LYS B 1 7  ? -11.807 3.592   3.060   1.00 34.77 ? 7  LYS B CG  1 
ATOM   244 C CD  . LYS B 1 7  ? -13.312 3.719   2.691   1.00 43.62 ? 7  LYS B CD  1 
ATOM   245 C CE  . LYS B 1 7  ? -14.150 3.388   3.937   1.00 48.81 ? 7  LYS B CE  1 
ATOM   246 N NZ  . LYS B 1 7  ? -15.550 3.955   3.790   1.00 53.62 ? 7  LYS B NZ  1 
ATOM   247 N N   . VAL B 1 8  ? -9.378  2.481   0.169   1.00 20.60 ? 8  VAL B N   1 
ATOM   248 C CA  . VAL B 1 8  ? -9.199  1.125   -0.501  1.00 23.38 ? 8  VAL B CA  1 
ATOM   249 C C   . VAL B 1 8  ? -7.817  0.610   -0.165  1.00 22.25 ? 8  VAL B C   1 
ATOM   250 O O   . VAL B 1 8  ? -7.720  -0.616  0.152   1.00 25.53 ? 8  VAL B O   1 
ATOM   251 C CB  . VAL B 1 8  ? -9.597  1.148   -1.956  1.00 23.61 ? 8  VAL B CB  1 
ATOM   252 C CG1 . VAL B 1 8  ? -9.093  -0.149  -2.685  1.00 28.23 ? 8  VAL B CG1 1 
ATOM   253 C CG2 . VAL B 1 8  ? -11.079 1.272   -2.235  1.00 25.53 ? 8  VAL B CG2 1 
ATOM   254 N N   . LEU B 1 9  ? -6.776  1.392   -0.224  1.00 21.03 ? 9  LEU B N   1 
ATOM   255 C CA  . LEU B 1 9  ? -5.435  0.997   0.106   1.00 20.22 ? 9  LEU B CA  1 
ATOM   256 C C   . LEU B 1 9  ? -5.277  0.520   1.494   1.00 22.83 ? 9  LEU B C   1 
ATOM   257 O O   . LEU B 1 9  ? -4.586  -0.541  1.682   1.00 23.58 ? 9  LEU B O   1 
ATOM   258 C CB  . LEU B 1 9  ? -4.346  2.020   -0.341  1.00 18.69 ? 9  LEU B CB  1 
ATOM   259 C CG  . LEU B 1 9  ? -4.353  2.445   -1.757  1.00 20.80 ? 9  LEU B CG  1 
ATOM   260 C CD1 . LEU B 1 9  ? -3.365  3.594   -2.081  1.00 23.06 ? 9  LEU B CD1 1 
ATOM   261 C CD2 . LEU B 1 9  ? -3.999  1.248   -2.660  1.00 22.83 ? 9  LEU B CD2 1 
ATOM   262 N N   . THR B 1 10 ? -5.782  1.216   2.489   1.00 21.66 ? 10 THR B N   1 
ATOM   263 C CA  . THR B 1 10 ? -5.631  0.977   3.900   1.00 23.85 ? 10 THR B CA  1 
ATOM   264 C C   . THR B 1 10 ? -6.204  -0.398  4.204   1.00 24.74 ? 10 THR B C   1 
ATOM   265 O O   . THR B 1 10 ? -5.624  -1.129  5.007   1.00 24.91 ? 10 THR B O   1 
ATOM   266 C CB  . THR B 1 10 ? -6.518  2.059   4.727   1.00 26.65 ? 10 THR B CB  1 
ATOM   267 O OG1 . THR B 1 10 ? -5.797  3.305   4.414   1.00 32.91 ? 10 THR B OG1 1 
ATOM   268 C CG2 . THR B 1 10 ? -6.546  1.754   6.185   1.00 29.78 ? 10 THR B CG2 1 
ATOM   269 N N   . THR B 1 11 ? -7.358  -0.620  3.537   1.00 24.75 ? 11 THR B N   1 
ATOM   270 C CA  . THR B 1 11 ? -8.065  -1.870  3.895   1.00 26.41 ? 11 THR B CA  1 
ATOM   271 C C   . THR B 1 11 ? -7.502  -3.019  3.003   1.00 25.22 ? 11 THR B C   1 
ATOM   272 O O   . THR B 1 11 ? -7.498  -4.166  3.481   1.00 26.25 ? 11 THR B O   1 
ATOM   273 C CB  . THR B 1 11 ? -9.616  -1.867  3.621   1.00 32.59 ? 11 THR B CB  1 
ATOM   274 O OG1 . THR B 1 11 ? -10.159 -0.537  3.815   1.00 38.37 ? 11 THR B OG1 1 
ATOM   275 C CG2 . THR B 1 11 ? -10.347 -2.921  4.485   1.00 35.60 ? 11 THR B CG2 1 
ATOM   276 N N   . GLY B 1 12 ? -7.201  -2.674  1.783   1.00 22.04 ? 12 GLY B N   1 
ATOM   277 C CA  . GLY B 1 12 ? -7.045  -3.702  0.746   1.00 22.53 ? 12 GLY B CA  1 
ATOM   278 C C   . GLY B 1 12 ? -5.596  -4.043  0.517   1.00 22.17 ? 12 GLY B C   1 
ATOM   279 O O   . GLY B 1 12 ? -5.340  -5.191  0.049   1.00 20.26 ? 12 GLY B O   1 
ATOM   280 N N   . LEU B 1 13 ? -4.682  -3.147  0.833   1.00 20.94 ? 13 LEU B N   1 
ATOM   281 C CA  . LEU B 1 13 ? -3.256  -3.478  0.616   1.00 23.61 ? 13 LEU B CA  1 
ATOM   282 C C   . LEU B 1 13 ? -2.728  -4.642  1.404   1.00 21.75 ? 13 LEU B C   1 
ATOM   283 O O   . LEU B 1 13 ? -2.005  -5.446  0.731   1.00 26.77 ? 13 LEU B O   1 
ATOM   284 C CB  . LEU B 1 13 ? -2.406  -2.241  0.700   1.00 27.83 ? 13 LEU B CB  1 
ATOM   285 C CG  . LEU B 1 13 ? -1.100  -2.098  -0.027  1.00 33.51 ? 13 LEU B CG  1 
ATOM   286 C CD1 . LEU B 1 13 ? -1.241  -2.209  -1.539  1.00 33.01 ? 13 LEU B CD1 1 
ATOM   287 C CD2 . LEU B 1 13 ? -0.666  -0.636  0.324   1.00 37.40 ? 13 LEU B CD2 1 
ATOM   288 N N   . PRO B 1 14 ? -2.974  -4.916  2.652   1.00 21.06 ? 14 PRO B N   1 
ATOM   289 C CA  . PRO B 1 14 ? -2.407  -6.057  3.350   1.00 20.15 ? 14 PRO B CA  1 
ATOM   290 C C   . PRO B 1 14 ? -2.713  -7.367  2.620   1.00 23.00 ? 14 PRO B C   1 
ATOM   291 O O   . PRO B 1 14 ? -1.799  -8.207  2.467   1.00 20.49 ? 14 PRO B O   1 
ATOM   292 C CB  . PRO B 1 14 ? -2.860  -5.949  4.775   1.00 21.45 ? 14 PRO B CB  1 
ATOM   293 C CG  . PRO B 1 14 ? -3.298  -4.499  4.918   1.00 20.47 ? 14 PRO B CG  1 
ATOM   294 C CD  . PRO B 1 14 ? -3.644  -3.956  3.593   1.00 20.25 ? 14 PRO B CD  1 
ATOM   295 N N   . ALA B 1 15 ? -3.961  -7.572  2.200   1.00 21.33 ? 15 ALA B N   1 
ATOM   296 C CA  . ALA B 1 15 ? -4.348  -8.810  1.455   1.00 22.26 ? 15 ALA B CA  1 
ATOM   297 C C   . ALA B 1 15 ? -3.612  -8.970  0.128   1.00 20.80 ? 15 ALA B C   1 
ATOM   298 O O   . ALA B 1 15 ? -3.321  -10.059 -0.343  1.00 18.74 ? 15 ALA B O   1 
ATOM   299 C CB  . ALA B 1 15 ? -5.855  -8.708  1.125   1.00 20.43 ? 15 ALA B CB  1 
ATOM   300 N N   . LEU B 1 16 ? -3.407  -7.822  -0.556  1.00 18.52 ? 16 LEU B N   1 
ATOM   301 C CA  . LEU B 1 16 ? -2.725  -7.763  -1.830  1.00 18.86 ? 16 LEU B CA  1 
ATOM   302 C C   . LEU B 1 16 ? -1.283  -8.264  -1.569  1.00 18.82 ? 16 LEU B C   1 
ATOM   303 O O   . LEU B 1 16 ? -0.848  -9.144  -2.345  1.00 19.64 ? 16 LEU B O   1 
ATOM   304 C CB  . LEU B 1 16 ? -2.735  -6.422  -2.512  1.00 24.28 ? 16 LEU B CB  1 
ATOM   305 C CG  . LEU B 1 16 ? -2.454  -6.248  -4.005  1.00 28.45 ? 16 LEU B CG  1 
ATOM   306 C CD1 . LEU B 1 16 ? -1.540  -5.079  -4.322  1.00 27.45 ? 16 LEU B CD1 1 
ATOM   307 C CD2 . LEU B 1 16 ? -1.977  -7.469  -4.720  1.00 31.46 ? 16 LEU B CD2 1 
ATOM   308 N N   . ILE B 1 17 ? -0.639  -7.755  -0.574  1.00 14.59 ? 17 ILE B N   1 
ATOM   309 C CA  . ILE B 1 17 ? 0.754   -8.126  -0.327  1.00 14.88 ? 17 ILE B CA  1 
ATOM   310 C C   . ILE B 1 17 ? 0.802   -9.674  -0.097  1.00 15.79 ? 17 ILE B C   1 
ATOM   311 O O   . ILE B 1 17 ? 1.648   -10.345 -0.593  1.00 15.07 ? 17 ILE B O   1 
ATOM   312 C CB  . ILE B 1 17 ? 1.277   -7.344  0.919   1.00 12.63 ? 17 ILE B CB  1 
ATOM   313 C CG1 . ILE B 1 17 ? 1.381   -5.834  0.419   1.00 16.37 ? 17 ILE B CG1 1 
ATOM   314 C CG2 . ILE B 1 17 ? 2.618   -7.897  1.359   1.00 14.40 ? 17 ILE B CG2 1 
ATOM   315 C CD1 . ILE B 1 17 ? 1.392   -4.978  1.753   1.00 20.77 ? 17 ILE B CD1 1 
ATOM   316 N N   . SER B 1 18 ? -0.093  -10.191 0.701   1.00 14.90 ? 18 SER B N   1 
ATOM   317 C CA  . SER B 1 18 ? -0.037  -11.596 1.040   1.00 17.71 ? 18 SER B CA  1 
ATOM   318 C C   . SER B 1 18 ? -0.133  -12.437 -0.253  1.00 17.07 ? 18 SER B C   1 
ATOM   319 O O   . SER B 1 18 ? 0.490   -13.476 -0.367  1.00 19.11 ? 18 SER B O   1 
ATOM   320 C CB  . SER B 1 18 ? -1.159  -11.966 2.004   1.00 20.62 ? 18 SER B CB  1 
ATOM   321 O OG  . SER B 1 18 ? -0.696  -11.481 3.272   1.00 30.58 ? 18 SER B OG  1 
ATOM   322 N N   . TRP B 1 19 ? -1.073  -11.995 -1.043  1.00 16.87 ? 19 TRP B N   1 
ATOM   323 C CA  . TRP B 1 19 ? -1.451  -12.695 -2.267  1.00 17.53 ? 19 TRP B CA  1 
ATOM   324 C C   . TRP B 1 19 ? -0.261  -12.766 -3.159  1.00 18.31 ? 19 TRP B C   1 
ATOM   325 O O   . TRP B 1 19 ? 0.069   -13.751 -3.863  1.00 15.07 ? 19 TRP B O   1 
ATOM   326 C CB  . TRP B 1 19 ? -2.640  -12.002 -2.957  1.00 15.45 ? 19 TRP B CB  1 
ATOM   327 C CG  . TRP B 1 19 ? -3.187  -12.580 -4.228  1.00 14.83 ? 19 TRP B CG  1 
ATOM   328 C CD1 . TRP B 1 19 ? -4.174  -13.522 -4.311  1.00 19.28 ? 19 TRP B CD1 1 
ATOM   329 C CD2 . TRP B 1 19 ? -2.825  -12.308 -5.570  1.00 14.65 ? 19 TRP B CD2 1 
ATOM   330 N NE1 . TRP B 1 19 ? -4.456  -13.840 -5.630  1.00 20.44 ? 19 TRP B NE1 1 
ATOM   331 C CE2 . TRP B 1 19 ? -3.631  -13.102 -6.427  1.00 18.09 ? 19 TRP B CE2 1 
ATOM   332 C CE3 . TRP B 1 19 ? -1.853  -11.500 -6.166  1.00 13.60 ? 19 TRP B CE3 1 
ATOM   333 C CZ2 . TRP B 1 19 ? -3.546  -13.052 -7.799  1.00 15.12 ? 19 TRP B CZ2 1 
ATOM   334 C CZ3 . TRP B 1 19 ? -1.701  -11.448 -7.512  1.00 14.58 ? 19 TRP B CZ3 1 
ATOM   335 C CH2 . TRP B 1 19 ? -2.598  -12.201 -8.322  1.00 18.33 ? 19 TRP B CH2 1 
ATOM   336 N N   . ILE B 1 20 ? 0.346   -11.599 -3.362  1.00 14.87 ? 20 ILE B N   1 
ATOM   337 C CA  . ILE B 1 20 ? 1.481   -11.486 -4.268  1.00 14.07 ? 20 ILE B CA  1 
ATOM   338 C C   . ILE B 1 20 ? 2.600   -12.375 -3.778  1.00 14.90 ? 20 ILE B C   1 
ATOM   339 O O   . ILE B 1 20 ? 3.252   -13.133 -4.599  1.00 17.33 ? 20 ILE B O   1 
ATOM   340 C CB  . ILE B 1 20 ? 2.008   -10.002 -4.365  1.00 16.32 ? 20 ILE B CB  1 
ATOM   341 C CG1 . ILE B 1 20 ? 0.990   -9.027  -5.076  1.00 17.61 ? 20 ILE B CG1 1 
ATOM   342 C CG2 . ILE B 1 20 ? 3.397   -10.064 -5.162  1.00 17.08 ? 20 ILE B CG2 1 
ATOM   343 C CD1 . ILE B 1 20 ? 1.436   -7.527  -4.793  1.00 19.42 ? 20 ILE B CD1 1 
ATOM   344 N N   . LYS B 1 21 ? 2.930   -12.373 -2.532  1.00 15.82 ? 21 LYS B N   1 
ATOM   345 C CA  . LYS B 1 21 ? 3.927   -13.261 -1.978  1.00 20.04 ? 21 LYS B CA  1 
ATOM   346 C C   . LYS B 1 21 ? 3.657   -14.742 -2.231  1.00 23.80 ? 21 LYS B C   1 
ATOM   347 O O   . LYS B 1 21 ? 4.586   -15.510 -2.649  1.00 24.68 ? 21 LYS B O   1 
ATOM   348 C CB  . LYS B 1 21 ? 4.061   -13.077 -0.462  1.00 22.25 ? 21 LYS B CB  1 
ATOM   349 C CG  . LYS B 1 21 ? 4.971   -11.833 -0.412  1.00 28.65 ? 21 LYS B CG  1 
ATOM   350 C CD  . LYS B 1 21 ? 4.863   -11.213 0.966   1.00 36.60 ? 21 LYS B CD  1 
ATOM   351 C CE  . LYS B 1 21 ? 5.876   -10.023 0.824   1.00 42.81 ? 21 LYS B CE  1 
ATOM   352 N NZ  . LYS B 1 21 ? 5.410   -8.982  1.789   1.00 48.93 ? 21 LYS B NZ  1 
ATOM   353 N N   . ARG B 1 22 ? 2.424   -15.136 -1.908  1.00 23.75 ? 22 ARG B N   1 
ATOM   354 C CA  . ARG B 1 22 ? 2.002   -16.472 -2.358  1.00 25.56 ? 22 ARG B CA  1 
ATOM   355 C C   . ARG B 1 22 ? 2.205   -16.802 -3.790  1.00 24.43 ? 22 ARG B C   1 
ATOM   356 O O   . ARG B 1 22 ? 2.798   -17.925 -4.087  1.00 27.20 ? 22 ARG B O   1 
ATOM   357 C CB  . ARG B 1 22 ? 0.514   -16.690 -2.046  1.00 34.10 ? 22 ARG B CB  1 
ATOM   358 C CG  . ARG B 1 22 ? 0.395   -17.613 -0.843  1.00 45.35 ? 22 ARG B CG  1 
ATOM   359 C CD  . ARG B 1 22 ? -1.062  -17.889 -0.630  1.00 53.40 ? 22 ARG B CD  1 
ATOM   360 N NE  . ARG B 1 22 ? -1.846  -16.671 -0.664  1.00 61.00 ? 22 ARG B NE  1 
ATOM   361 C CZ  . ARG B 1 22 ? -2.759  -16.198 -1.506  1.00 63.11 ? 22 ARG B CZ  1 
ATOM   362 N NH1 . ARG B 1 22 ? -3.431  -15.085 -1.141  1.00 63.30 ? 22 ARG B NH1 1 
ATOM   363 N NH2 . ARG B 1 22 ? -3.047  -16.820 -2.654  1.00 64.86 ? 22 ARG B NH2 1 
ATOM   364 N N   . LYS B 1 23 ? 1.684   -16.103 -4.727  1.00 21.70 ? 23 LYS B N   1 
ATOM   365 C CA  . LYS B 1 23 ? 1.910   -16.229 -6.122  1.00 23.85 ? 23 LYS B CA  1 
ATOM   366 C C   . LYS B 1 23 ? 3.407   -16.335 -6.500  1.00 25.31 ? 23 LYS B C   1 
ATOM   367 O O   . LYS B 1 23 ? 3.752   -17.072 -7.465  1.00 23.77 ? 23 LYS B O   1 
ATOM   368 C CB  . LYS B 1 23 ? 1.388   -15.033 -6.905  1.00 26.71 ? 23 LYS B CB  1 
ATOM   369 C CG  . LYS B 1 23 ? 0.046   -15.199 -7.545  1.00 35.14 ? 23 LYS B CG  1 
ATOM   370 C CD  . LYS B 1 23 ? -0.842  -16.194 -6.759  1.00 40.49 ? 23 LYS B CD  1 
ATOM   371 C CE  . LYS B 1 23 ? -1.772  -16.843 -7.779  1.00 45.02 ? 23 LYS B CE  1 
ATOM   372 N NZ  . LYS B 1 23 ? -3.019  -17.388 -7.150  1.00 50.38 ? 23 LYS B NZ  1 
ATOM   373 N N   . ARG B 1 24 ? 4.236   -15.513 -5.913  1.00 23.50 ? 24 ARG B N   1 
ATOM   374 C CA  . ARG B 1 24 ? 5.687   -15.519 -6.188  1.00 28.09 ? 24 ARG B CA  1 
ATOM   375 C C   . ARG B 1 24 ? 6.325   -16.849 -5.764  1.00 30.44 ? 24 ARG B C   1 
ATOM   376 O O   . ARG B 1 24 ? 7.248   -17.364 -6.458  1.00 32.18 ? 24 ARG B O   1 
ATOM   377 C CB  . ARG B 1 24 ? 6.370   -14.311 -5.487  1.00 22.87 ? 24 ARG B CB  1 
ATOM   378 C CG  . ARG B 1 24 ? 6.073   -12.999 -6.152  1.00 22.47 ? 24 ARG B CG  1 
ATOM   379 C CD  . ARG B 1 24 ? 6.742   -12.862 -7.487  1.00 24.97 ? 24 ARG B CD  1 
ATOM   380 N NE  . ARG B 1 24 ? 8.082   -12.293 -7.100  1.00 29.63 ? 24 ARG B NE  1 
ATOM   381 C CZ  . ARG B 1 24 ? 8.960   -11.834 -7.980  1.00 27.74 ? 24 ARG B CZ  1 
ATOM   382 N NH1 . ARG B 1 24 ? 8.737   -11.845 -9.288  1.00 29.32 ? 24 ARG B NH1 1 
ATOM   383 N NH2 . ARG B 1 24 ? 10.101  -11.308 -7.506  1.00 28.55 ? 24 ARG B NH2 1 
ATOM   384 N N   . GLN B 1 25 ? 5.896   -17.403 -4.661  1.00 33.47 ? 25 GLN B N   1 
ATOM   385 C CA  . GLN B 1 25 ? 6.415   -18.712 -4.214  1.00 40.40 ? 25 GLN B CA  1 
ATOM   386 C C   . GLN B 1 25 ? 6.036   -19.814 -5.165  1.00 42.71 ? 25 GLN B C   1 
ATOM   387 O O   . GLN B 1 25 ? 6.683   -20.891 -5.195  1.00 45.76 ? 25 GLN B O   1 
ATOM   388 C CB  . GLN B 1 25 ? 6.103   -18.964 -2.723  1.00 45.46 ? 25 GLN B CB  1 
ATOM   389 C CG  . GLN B 1 25 ? 7.003   -18.062 -1.933  1.00 56.98 ? 25 GLN B CG  1 
ATOM   390 C CD  . GLN B 1 25 ? 6.915   -17.646 -0.525  1.00 64.02 ? 25 GLN B CD  1 
ATOM   391 O OE1 . GLN B 1 25 ? 7.812   -16.926 0.029   1.00 68.36 ? 25 GLN B OE1 1 
ATOM   392 N NE2 . GLN B 1 25 ? 5.857   -17.981 0.230   1.00 66.24 ? 25 GLN B NE2 1 
ATOM   393 N N   . GLN B 1 26 ? 5.051   -19.609 -6.020  1.00 44.62 ? 26 GLN B N   1 
ATOM   394 C CA  . GLN B 1 26 ? 4.387   -20.719 -6.730  1.00 45.23 ? 26 GLN B CA  1 
ATOM   395 C C   . GLN B 1 26 ? 4.815   -20.607 -8.195  1.00 45.26 ? 26 GLN B C   1 
ATOM   396 O O   . GLN B 1 26 ? 5.309   -19.500 -8.511  1.00 45.82 ? 26 GLN B O   1 
ATOM   397 C CB  . GLN B 1 26 ? 2.887   -20.709 -6.711  1.00 48.74 ? 26 GLN B CB  1 
ATOM   398 C CG  . GLN B 1 26 ? 2.177   -21.223 -5.460  1.00 52.76 ? 26 GLN B CG  1 
ATOM   399 C CD  . GLN B 1 26 ? 0.738   -20.722 -5.496  1.00 55.74 ? 26 GLN B CD  1 
ATOM   400 O OE1 . GLN B 1 26 ? 0.225   -20.447 -6.600  1.00 56.64 ? 26 GLN B OE1 1 
ATOM   401 N NE2 . GLN B 1 26 ? 0.140   -20.584 -4.321  1.00 56.30 ? 26 GLN B NE2 1 
HETATM 402 N N   . NH2 B 1 27 ? 4.552   -21.691 -8.866  1.00 46.88 ? 27 NH2 B N   1 
HETATM 403 S S   . SO4 C 2 .  ? 11.898  -10.076 -10.453 1.00 54.28 ? 28 SO4 B S   1 
HETATM 404 O O1  . SO4 C 2 .  ? 12.093  -11.558 -10.694 1.00 56.09 ? 28 SO4 B O1  1 
HETATM 405 O O2  . SO4 C 2 .  ? 12.672  -9.308  -11.452 1.00 55.25 ? 28 SO4 B O2  1 
HETATM 406 O O3  . SO4 C 2 .  ? 10.434  -9.845  -10.770 1.00 54.75 ? 28 SO4 B O3  1 
HETATM 407 O O4  . SO4 C 2 .  ? 12.213  -9.681  -9.041  1.00 53.20 ? 28 SO4 B O4  1 
HETATM 408 S S   . SO4 D 2 .  ? -11.925 13.785  -1.536  1.00 38.32 ? 29 SO4 B S   1 
HETATM 409 O O1  . SO4 D 2 .  ? -13.116 13.545  -2.407  1.00 40.06 ? 29 SO4 B O1  1 
HETATM 410 O O2  . SO4 D 2 .  ? -10.779 13.927  -2.436  1.00 38.96 ? 29 SO4 B O2  1 
HETATM 411 O O3  . SO4 D 2 .  ? -12.048 15.004  -0.695  1.00 42.43 ? 29 SO4 B O3  1 
HETATM 412 O O4  . SO4 D 2 .  ? -11.926 12.651  -0.571  1.00 40.29 ? 29 SO4 B O4  1 
HETATM 413 O O   . HOH E 3 .  ? -8.686  20.786  8.163   1.00 51.66 ? 28 HOH A O   1 
HETATM 414 O O   . HOH E 3 .  ? -3.386  16.639  10.374  1.00 35.82 ? 29 HOH A O   1 
HETATM 415 O O   . HOH E 3 .  ? 12.611  -1.132  -3.286  1.00 39.33 ? 30 HOH A O   1 
HETATM 416 O O   . HOH E 3 .  ? 4.717   9.368   7.267   1.00 32.70 ? 31 HOH A O   1 
HETATM 417 O O   . HOH E 3 .  ? 9.979   1.169   1.248   1.00 54.46 ? 32 HOH A O   1 
HETATM 418 O O   . HOH E 3 .  ? -0.889  4.353   7.109   1.00 42.18 ? 33 HOH A O   1 
HETATM 419 O O   . HOH E 3 .  ? -8.081  12.102  4.406   1.00 41.52 ? 34 HOH A O   1 
HETATM 420 O O   . HOH E 3 .  ? 0.981   -2.188  3.266   1.00 34.42 ? 35 HOH A O   1 
HETATM 421 O O   . HOH E 3 .  ? 6.095   2.781   6.839   0.5  68.01 ? 36 HOH A O   1 
HETATM 422 O O   . HOH F 3 .  ? -6.548  -6.486  3.453   1.00 23.82 ? 30 HOH B O   1 
HETATM 423 O O   . HOH F 3 .  ? -13.084 10.563  -2.504  1.00 35.47 ? 31 HOH B O   1 
HETATM 424 O O   . HOH F 3 .  ? 9.141   -11.645 -4.877  1.00 42.65 ? 32 HOH B O   1 
HETATM 425 O O   . HOH F 3 .  ? -4.513  -12.334 0.479   1.00 35.28 ? 33 HOH B O   1 
HETATM 426 O O   . HOH F 3 .  ? -6.974  16.013  -6.987  1.00 56.77 ? 34 HOH B O   1 
HETATM 427 O O   . HOH F 3 .  ? 1.098   12.821  -14.117 1.00 46.57 ? 35 HOH B O   1 
HETATM 428 O O   . HOH F 3 .  ? 1.889   -18.133 -9.464  1.00 56.34 ? 36 HOH B O   1 
HETATM 429 O O   . HOH F 3 .  ? 1.372   -14.615 1.401   1.00 43.80 ? 37 HOH B O   1 
HETATM 430 O O   . HOH F 3 .  ? -7.052  19.115  -8.325  1.00 60.32 ? 38 HOH B O   1 
HETATM 431 O O   . HOH F 3 .  ? -10.022 -3.054  -0.276  1.00 40.04 ? 39 HOH B O   1 
HETATM 432 O O   . HOH F 3 .  ? -3.160  -20.288 -9.380  1.00 50.49 ? 40 HOH B O   1 
HETATM 433 O O   . HOH F 3 .  ? -9.744  7.390   3.441   1.00 55.11 ? 41 HOH B O   1 
HETATM 434 O O   . HOH F 3 .  ? -13.615 3.797   -1.547  1.00 54.46 ? 42 HOH B O   1 
HETATM 435 O O   . HOH F 3 .  ? -7.574  -6.372  -1.184  1.00 43.57 ? 43 HOH B O   1 
# 
